data_4HCX
#
_entry.id   4HCX
#
_cell.length_a   90.135
_cell.length_b   92.704
_cell.length_c   102.894
_cell.angle_alpha   90.00
_cell.angle_beta   90.00
_cell.angle_gamma   90.00
#
_symmetry.space_group_name_H-M   'P 21 21 21'
#
loop_
_entity.id
_entity.type
_entity.pdbx_description
1 polymer 'Isocitrate dehydrogenase [NADP]'
2 non-polymer 'MANGANESE (II) ION'
3 non-polymer 'NADPH DIHYDRO-NICOTINAMIDE-ADENINE-DINUCLEOTIDE PHOSPHATE'
4 non-polymer 'CHLORIDE ION'
5 water water
#
_entity_poly.entity_id   1
_entity_poly.type   'polypeptide(L)'
_entity_poly.pdbx_seq_one_letter_code
;MSNAPKIKVSGPVVELDGDEMTRVIWKLIKDMLILPYLDIRLDYYDLGIEHRDATDDQVTIDAAYAIKKHGVGVKCATIT
PDEARVEEFNLKKMWLSPNGTIRNILGGTIFREPIVISNVPRLVPGWTKPIVIGRHAFGDQYRATNFKVDQPGTVTLTFT
PADGSAPIVHEMVSIPEDGGVVLGMYNFKESIRDFARASFSYGLNAKWPVYLSTKNTILKAYDGMFKDEFERVYEEEFKA
QFEAAGLTYEHRLIDDMVAACLKWEGGYVWACKNYDGDVQSDTVAQGYGSLGLMTSVLMTADGKTVEAEAAHGTVTRHYR
QYQAGKPTSTNPIASIFAWTRGLQHRGKLDGTPEVIDFAHKLESVVIATVESGKMTKDLAILIGPEQDWLNSEEFLDAIA
DNLEKELAN
;
_entity_poly.pdbx_strand_id   A,B
#
loop_
_chem_comp.id
_chem_comp.type
_chem_comp.name
_chem_comp.formula
CL non-polymer 'CHLORIDE ION' 'Cl -1'
MN non-polymer 'MANGANESE (II) ION' 'Mn 2'
NDP non-polymer 'NADPH DIHYDRO-NICOTINAMIDE-ADENINE-DINUCLEOTIDE PHOSPHATE' 'C21 H30 N7 O17 P3'
#
# COMPACT_ATOMS: atom_id res chain seq x y z
N PRO A 5 -30.09 21.02 -33.19
CA PRO A 5 -30.31 19.61 -32.82
C PRO A 5 -29.00 18.79 -32.64
N LYS A 6 -28.00 19.01 -33.50
CA LYS A 6 -26.60 18.58 -33.21
C LYS A 6 -25.70 19.73 -32.71
N ILE A 7 -25.38 19.69 -31.41
CA ILE A 7 -24.45 20.63 -30.75
C ILE A 7 -23.12 20.63 -31.47
N LYS A 8 -22.70 21.83 -31.89
CA LYS A 8 -21.50 22.00 -32.72
C LYS A 8 -20.27 22.06 -31.83
N VAL A 9 -19.34 21.12 -32.06
CA VAL A 9 -18.04 21.15 -31.37
C VAL A 9 -17.08 21.98 -32.19
N SER A 10 -16.35 22.85 -31.52
CA SER A 10 -15.56 23.89 -32.23
C SER A 10 -14.20 23.42 -32.75
N GLY A 11 -13.32 23.05 -31.83
CA GLY A 11 -11.96 22.58 -32.16
C GLY A 11 -11.91 21.08 -32.30
N PRO A 12 -10.76 20.54 -32.71
CA PRO A 12 -10.78 19.10 -32.99
C PRO A 12 -10.62 18.20 -31.73
N VAL A 13 -11.15 16.98 -31.81
CA VAL A 13 -10.86 15.92 -30.84
C VAL A 13 -10.07 14.79 -31.55
N VAL A 14 -8.87 14.51 -31.04
CA VAL A 14 -8.05 13.45 -31.58
C VAL A 14 -8.58 12.14 -31.03
N GLU A 15 -9.00 11.24 -31.90
CA GLU A 15 -9.51 9.95 -31.51
C GLU A 15 -8.54 8.82 -31.85
N LEU A 16 -8.11 8.12 -30.83
CA LEU A 16 -7.13 7.05 -30.98
C LEU A 16 -7.87 5.71 -30.87
N ASP A 17 -8.08 5.03 -32.00
CA ASP A 17 -8.79 3.74 -31.99
C ASP A 17 -7.83 2.72 -31.39
N GLY A 18 -8.36 1.54 -31.01
CA GLY A 18 -7.63 0.51 -30.26
C GLY A 18 -8.11 -0.90 -30.61
N ASP A 19 -8.22 -1.78 -29.61
CA ASP A 19 -8.19 -3.22 -29.84
C ASP A 19 -9.20 -4.10 -29.13
N GLU A 20 -9.49 -5.23 -29.75
CA GLU A 20 -10.31 -6.30 -29.17
C GLU A 20 -11.67 -5.77 -28.62
N MET A 21 -12.17 -6.30 -27.48
CA MET A 21 -13.51 -5.88 -26.97
C MET A 21 -13.70 -4.38 -26.88
N THR A 22 -12.72 -3.65 -26.37
CA THR A 22 -12.84 -2.20 -26.36
C THR A 22 -13.00 -1.59 -27.75
N ARG A 23 -12.40 -2.15 -28.79
CA ARG A 23 -12.67 -1.52 -30.09
C ARG A 23 -14.15 -1.71 -30.46
N VAL A 24 -14.69 -2.92 -30.23
CA VAL A 24 -16.10 -3.22 -30.52
C VAL A 24 -16.97 -2.22 -29.78
N ILE A 25 -16.80 -2.20 -28.46
CA ILE A 25 -17.53 -1.32 -27.56
C ILE A 25 -17.32 0.18 -27.86
N TRP A 26 -16.17 0.54 -28.40
CA TRP A 26 -15.77 1.96 -28.57
C TRP A 26 -16.48 2.62 -29.75
N LYS A 27 -16.81 1.79 -30.74
CA LYS A 27 -17.50 2.23 -31.93
C LYS A 27 -18.99 2.46 -31.56
N LEU A 28 -19.60 1.48 -30.87
CA LEU A 28 -20.96 1.60 -30.36
C LEU A 28 -21.16 2.81 -29.51
N ILE A 29 -20.14 3.24 -28.77
CA ILE A 29 -20.26 4.49 -27.99
C ILE A 29 -20.33 5.62 -28.99
N LYS A 30 -19.38 5.64 -29.92
CA LYS A 30 -19.29 6.73 -30.90
C LYS A 30 -20.58 6.85 -31.72
N ASP A 31 -21.15 5.71 -32.11
CA ASP A 31 -22.30 5.71 -33.02
C ASP A 31 -23.63 5.91 -32.29
N MET A 32 -23.77 5.38 -31.07
CA MET A 32 -25.01 5.48 -30.36
C MET A 32 -25.06 6.71 -29.47
N LEU A 33 -23.92 7.10 -28.89
CA LEU A 33 -23.94 8.09 -27.82
C LEU A 33 -23.16 9.38 -28.09
N ILE A 34 -22.39 9.48 -29.16
CA ILE A 34 -21.63 10.73 -29.42
C ILE A 34 -22.16 11.39 -30.67
N LEU A 35 -22.05 10.66 -31.77
CA LEU A 35 -22.31 11.14 -33.12
C LEU A 35 -23.74 11.66 -33.41
N PRO A 36 -24.80 10.99 -32.87
CA PRO A 36 -26.13 11.60 -32.91
C PRO A 36 -26.19 13.06 -32.41
N TYR A 37 -25.62 13.35 -31.23
CA TYR A 37 -25.84 14.63 -30.54
C TYR A 37 -24.86 15.71 -30.83
N LEU A 38 -23.78 15.34 -31.52
CA LEU A 38 -22.67 16.27 -31.74
C LEU A 38 -22.26 16.29 -33.19
N ASP A 39 -22.17 17.52 -33.70
CA ASP A 39 -21.51 17.78 -34.98
C ASP A 39 -20.11 18.16 -34.59
N ILE A 40 -19.15 17.27 -34.83
CA ILE A 40 -17.81 17.29 -34.18
C ILE A 40 -16.66 16.85 -35.09
N ARG A 41 -15.51 17.55 -35.04
CA ARG A 41 -14.36 17.17 -35.89
C ARG A 41 -13.41 16.17 -35.21
N LEU A 42 -13.56 14.89 -35.58
CA LEU A 42 -12.78 13.80 -34.98
C LEU A 42 -11.56 13.49 -35.80
N ASP A 43 -10.41 13.82 -35.25
CA ASP A 43 -9.16 13.55 -35.89
C ASP A 43 -8.71 12.13 -35.60
N TYR A 44 -8.98 11.22 -36.52
CA TYR A 44 -8.91 9.77 -36.25
C TYR A 44 -7.52 9.16 -36.51
N TYR A 45 -7.11 8.22 -35.62
CA TYR A 45 -5.83 7.55 -35.71
C TYR A 45 -6.06 6.15 -35.17
N ASP A 46 -5.89 5.19 -36.05
CA ASP A 46 -6.19 3.83 -35.68
C ASP A 46 -4.93 3.30 -35.07
N LEU A 47 -4.98 3.01 -33.78
CA LEU A 47 -3.84 2.46 -33.03
C LEU A 47 -4.14 1.02 -32.68
N GLY A 48 -5.10 0.45 -33.41
CA GLY A 48 -5.31 -0.98 -33.42
C GLY A 48 -3.97 -1.55 -33.84
N ILE A 49 -3.68 -2.76 -33.35
CA ILE A 49 -2.40 -3.38 -33.49
C ILE A 49 -1.99 -3.60 -34.96
N GLU A 50 -2.90 -4.13 -35.78
CA GLU A 50 -2.73 -4.19 -37.21
C GLU A 50 -2.22 -2.89 -37.83
N HIS A 51 -2.81 -1.77 -37.48
CA HIS A 51 -2.43 -0.55 -38.17
C HIS A 51 -1.17 0.02 -37.58
N ARG A 52 -0.91 -0.24 -36.30
CA ARG A 52 0.41 0.15 -35.79
C ARG A 52 1.45 -0.78 -36.48
N ASP A 53 1.13 -2.07 -36.62
CA ASP A 53 2.13 -2.95 -37.21
C ASP A 53 2.36 -2.56 -38.67
N ALA A 54 1.29 -2.21 -39.33
CA ALA A 54 1.34 -1.79 -40.73
C ALA A 54 2.07 -0.47 -41.01
N THR A 55 2.24 0.39 -40.00
CA THR A 55 3.00 1.62 -40.22
C THR A 55 4.29 1.58 -39.39
N ASP A 56 4.62 0.39 -38.85
CA ASP A 56 5.81 0.25 -38.05
C ASP A 56 5.73 1.24 -36.88
N ASP A 57 4.50 1.49 -36.40
CA ASP A 57 4.26 2.27 -35.19
C ASP A 57 4.36 3.79 -35.33
N GLN A 58 4.59 4.27 -36.55
CA GLN A 58 4.47 5.73 -36.81
C GLN A 58 3.06 6.23 -36.41
N VAL A 59 1.98 5.50 -36.69
CA VAL A 59 0.67 6.09 -36.37
C VAL A 59 0.61 6.60 -34.91
N THR A 60 1.35 5.93 -34.02
CA THR A 60 1.35 6.28 -32.62
C THR A 60 2.03 7.61 -32.39
N ILE A 61 3.14 7.84 -33.07
CA ILE A 61 3.83 9.13 -32.95
C ILE A 61 2.97 10.25 -33.51
N ASP A 62 2.34 9.97 -34.64
CA ASP A 62 1.36 10.90 -35.23
C ASP A 62 0.22 11.22 -34.25
N ALA A 63 -0.38 10.18 -33.71
CA ALA A 63 -1.47 10.32 -32.75
C ALA A 63 -1.05 11.21 -31.59
N ALA A 64 0.16 11.02 -31.08
CA ALA A 64 0.69 11.83 -29.98
C ALA A 64 0.88 13.27 -30.42
N TYR A 65 1.69 13.50 -31.45
CA TYR A 65 1.82 14.87 -31.92
C TYR A 65 0.45 15.50 -32.23
N ALA A 66 -0.57 14.77 -32.72
CA ALA A 66 -1.90 15.40 -32.92
C ALA A 66 -2.49 15.81 -31.56
N ILE A 67 -2.44 14.92 -30.56
CA ILE A 67 -2.95 15.31 -29.26
C ILE A 67 -2.26 16.58 -28.82
N LYS A 68 -0.95 16.62 -28.99
CA LYS A 68 -0.17 17.77 -28.58
C LYS A 68 -0.55 19.12 -29.25
N LYS A 69 -0.92 19.09 -30.52
CA LYS A 69 -1.24 20.30 -31.23
C LYS A 69 -2.58 20.83 -30.71
N HIS A 70 -3.58 19.94 -30.64
CA HIS A 70 -4.97 20.33 -30.42
C HIS A 70 -5.50 20.21 -28.97
N GLY A 71 -4.69 19.64 -28.09
CA GLY A 71 -5.01 19.59 -26.67
C GLY A 71 -5.99 18.55 -26.15
N VAL A 72 -6.68 17.78 -26.99
CA VAL A 72 -7.61 16.77 -26.43
C VAL A 72 -7.43 15.36 -27.05
N GLY A 73 -7.33 14.31 -26.22
CA GLY A 73 -7.17 12.96 -26.79
C GLY A 73 -8.18 12.08 -26.12
N VAL A 74 -8.86 11.26 -26.89
CA VAL A 74 -9.72 10.28 -26.27
C VAL A 74 -9.22 9.00 -26.85
N LYS A 75 -9.02 7.96 -26.04
CA LYS A 75 -8.33 6.78 -26.56
C LYS A 75 -8.98 5.48 -26.14
N CYS A 76 -9.09 4.59 -27.11
CA CYS A 76 -9.53 3.23 -26.84
C CYS A 76 -8.36 2.39 -26.21
N ALA A 77 -8.66 1.44 -25.35
CA ALA A 77 -7.63 0.54 -24.84
C ALA A 77 -6.95 -0.20 -26.05
N THR A 78 -5.63 -0.45 -25.94
CA THR A 78 -4.78 -1.02 -27.00
C THR A 78 -3.90 -2.13 -26.46
N ILE A 79 -3.50 -3.06 -27.33
CA ILE A 79 -2.58 -4.12 -26.95
C ILE A 79 -1.18 -3.60 -26.92
N THR A 80 -0.55 -3.83 -25.78
CA THR A 80 0.88 -3.71 -25.67
C THR A 80 1.56 -5.01 -26.10
N PRO A 81 2.41 -4.92 -27.12
CA PRO A 81 2.96 -6.18 -27.65
C PRO A 81 3.90 -6.90 -26.65
N ASP A 82 3.83 -8.23 -26.67
CA ASP A 82 4.78 -9.05 -25.99
C ASP A 82 5.02 -10.28 -26.89
N GLU A 83 5.85 -11.24 -26.46
CA GLU A 83 6.18 -12.35 -27.33
C GLU A 83 4.95 -13.14 -27.85
N ALA A 84 3.95 -13.35 -27.00
CA ALA A 84 2.67 -13.94 -27.45
C ALA A 84 1.96 -13.07 -28.48
N ARG A 85 1.96 -11.74 -28.30
CA ARG A 85 1.24 -10.94 -29.29
C ARG A 85 2.01 -10.89 -30.60
N VAL A 86 3.34 -10.99 -30.51
CA VAL A 86 4.13 -11.04 -31.76
C VAL A 86 3.66 -12.21 -32.63
N GLU A 87 3.51 -13.41 -32.05
CA GLU A 87 3.08 -14.54 -32.86
C GLU A 87 1.65 -14.45 -33.33
N GLU A 88 0.78 -13.85 -32.52
CA GLU A 88 -0.62 -13.87 -32.83
C GLU A 88 -0.85 -12.96 -34.01
N PHE A 89 -0.24 -11.79 -34.00
CA PHE A 89 -0.48 -10.82 -35.09
C PHE A 89 0.63 -10.75 -36.16
N ASN A 90 1.63 -11.63 -36.03
CA ASN A 90 2.80 -11.59 -36.93
C ASN A 90 3.47 -10.22 -37.01
N LEU A 91 3.61 -9.58 -35.86
CA LEU A 91 4.29 -8.28 -35.75
C LEU A 91 5.70 -8.29 -36.29
N LYS A 92 6.06 -7.19 -36.95
CA LYS A 92 7.37 -7.15 -37.61
C LYS A 92 8.44 -6.92 -36.56
N LYS A 93 8.13 -6.08 -35.57
CA LYS A 93 8.98 -5.91 -34.39
C LYS A 93 8.11 -5.90 -33.17
N MET A 94 8.72 -5.98 -31.99
CA MET A 94 7.94 -5.86 -30.82
C MET A 94 7.73 -4.44 -30.44
N TRP A 95 6.70 -3.84 -31.02
CA TRP A 95 6.44 -2.41 -30.84
C TRP A 95 6.24 -2.07 -29.37
N LEU A 96 6.80 -0.93 -28.97
CA LEU A 96 6.72 -0.51 -27.57
C LEU A 96 5.33 -0.06 -27.20
N SER A 97 5.01 -0.09 -25.92
CA SER A 97 3.72 0.33 -25.45
C SER A 97 3.35 1.69 -26.03
N PRO A 98 2.17 1.81 -26.60
CA PRO A 98 1.79 3.09 -27.14
C PRO A 98 1.57 4.18 -26.10
N ASN A 99 1.11 3.79 -24.93
CA ASN A 99 0.99 4.71 -23.81
C ASN A 99 2.32 5.34 -23.43
N GLY A 100 3.36 4.50 -23.44
CA GLY A 100 4.71 4.95 -23.17
C GLY A 100 5.13 5.98 -24.19
N THR A 101 4.78 5.76 -25.45
CA THR A 101 5.19 6.70 -26.50
C THR A 101 4.40 8.04 -26.36
N ILE A 102 3.17 7.94 -25.96
CA ILE A 102 2.36 9.13 -25.81
C ILE A 102 2.74 9.93 -24.57
N ARG A 103 2.88 9.25 -23.44
CA ARG A 103 3.34 9.84 -22.20
C ARG A 103 4.53 10.65 -22.52
N ASN A 104 5.48 10.02 -23.15
CA ASN A 104 6.81 10.55 -23.41
C ASN A 104 6.78 11.75 -24.37
N ILE A 105 6.03 11.68 -25.47
CA ILE A 105 5.93 12.88 -26.37
C ILE A 105 5.12 14.01 -25.71
N LEU A 106 4.11 13.64 -24.93
CA LEU A 106 3.30 14.66 -24.29
C LEU A 106 3.85 15.20 -23.00
N GLY A 107 4.64 14.40 -22.32
CA GLY A 107 4.99 14.73 -20.93
C GLY A 107 3.81 14.53 -20.02
N GLY A 108 3.85 15.11 -18.85
CA GLY A 108 2.65 15.07 -18.02
C GLY A 108 2.42 13.77 -17.28
N THR A 109 1.47 13.84 -16.32
CA THR A 109 1.29 12.92 -15.23
C THR A 109 0.00 12.17 -15.47
N ILE A 110 -0.01 10.89 -15.08
CA ILE A 110 -1.22 10.06 -15.22
C ILE A 110 -1.99 10.06 -13.88
N PHE A 111 -3.30 10.33 -13.97
CA PHE A 111 -4.17 10.40 -12.80
C PHE A 111 -5.25 9.34 -12.92
N ARG A 112 -5.51 8.64 -11.84
CA ARG A 112 -6.49 7.57 -11.87
C ARG A 112 -7.76 8.09 -11.18
N GLU A 113 -8.85 8.27 -11.92
CA GLU A 113 -10.07 8.82 -11.32
C GLU A 113 -11.21 7.83 -11.38
N PRO A 114 -11.70 7.41 -10.21
CA PRO A 114 -12.84 6.51 -10.16
C PRO A 114 -14.21 7.21 -10.28
N ILE A 115 -15.19 6.42 -10.71
CA ILE A 115 -16.54 6.86 -10.86
C ILE A 115 -17.41 6.26 -9.74
N VAL A 116 -17.96 7.16 -8.92
CA VAL A 116 -18.88 6.75 -7.85
C VAL A 116 -20.35 6.66 -8.30
N ILE A 117 -20.98 5.55 -7.94
CA ILE A 117 -22.34 5.24 -8.31
C ILE A 117 -23.06 4.53 -7.14
N SER A 118 -23.94 5.29 -6.51
CA SER A 118 -24.53 5.00 -5.19
C SER A 118 -24.89 3.57 -4.89
N ASN A 119 -25.49 2.86 -5.83
CA ASN A 119 -26.02 1.52 -5.50
C ASN A 119 -25.05 0.45 -5.86
N VAL A 120 -23.90 0.86 -6.41
CA VAL A 120 -22.80 -0.09 -6.58
C VAL A 120 -21.90 0.11 -5.39
N PRO A 121 -21.84 -0.90 -4.53
CA PRO A 121 -21.08 -0.88 -3.30
C PRO A 121 -19.54 -0.85 -3.56
N ARG A 122 -18.80 -0.03 -2.81
CA ARG A 122 -17.35 -0.15 -2.75
C ARG A 122 -16.99 -1.04 -1.63
N LEU A 123 -15.81 -1.64 -1.72
CA LEU A 123 -15.40 -2.58 -0.70
C LEU A 123 -15.09 -1.90 0.64
N VAL A 124 -15.01 -0.55 0.64
CA VAL A 124 -14.82 0.27 1.82
C VAL A 124 -16.02 1.21 1.86
N PRO A 125 -17.09 0.86 2.60
CA PRO A 125 -18.36 1.58 2.48
C PRO A 125 -18.19 3.03 2.80
N GLY A 126 -17.23 3.32 3.66
CA GLY A 126 -16.85 4.69 3.92
C GLY A 126 -16.62 5.51 2.66
N TRP A 127 -16.15 4.91 1.56
CA TRP A 127 -15.83 5.77 0.40
C TRP A 127 -17.11 6.27 -0.24
N THR A 128 -17.02 7.45 -0.84
CA THR A 128 -18.21 8.19 -1.18
C THR A 128 -17.91 9.24 -2.22
N LYS A 129 -16.65 9.64 -2.23
CA LYS A 129 -16.15 10.54 -3.26
C LYS A 129 -14.96 9.88 -4.00
N PRO A 130 -14.62 10.39 -5.19
CA PRO A 130 -13.48 9.80 -5.92
C PRO A 130 -12.18 10.11 -5.19
N ILE A 131 -11.39 9.07 -4.98
CA ILE A 131 -9.97 9.17 -4.62
C ILE A 131 -9.15 9.14 -5.93
N VAL A 132 -8.57 10.28 -6.28
CA VAL A 132 -7.68 10.37 -7.42
C VAL A 132 -6.23 10.19 -7.02
N ILE A 133 -5.54 9.35 -7.77
CA ILE A 133 -4.16 9.12 -7.54
C ILE A 133 -3.43 9.54 -8.78
N GLY A 134 -2.45 10.41 -8.58
CA GLY A 134 -1.56 10.81 -9.65
C GLY A 134 -0.23 10.17 -9.32
N ARG A 135 0.41 9.62 -10.34
CA ARG A 135 1.60 8.83 -10.15
C ARG A 135 2.75 9.46 -10.93
N HIS A 136 3.81 9.80 -10.22
CA HIS A 136 4.97 10.36 -10.83
C HIS A 136 5.22 9.43 -12.01
N ALA A 137 5.24 10.02 -13.20
CA ALA A 137 5.46 9.22 -14.41
C ALA A 137 6.92 8.78 -14.63
N PHE A 138 7.85 9.24 -13.79
CA PHE A 138 9.29 9.04 -14.06
C PHE A 138 10.12 8.63 -12.84
N GLY A 139 11.09 7.76 -13.06
CA GLY A 139 12.13 7.56 -12.09
C GLY A 139 11.91 6.51 -11.01
N ASP A 140 12.70 6.60 -9.94
CA ASP A 140 12.80 5.64 -8.82
C ASP A 140 12.98 4.19 -9.29
N GLN A 141 12.24 3.24 -8.69
CA GLN A 141 12.43 1.84 -8.96
C GLN A 141 12.34 1.49 -10.45
N TYR A 142 11.51 2.20 -11.20
CA TYR A 142 11.30 1.92 -12.62
C TYR A 142 12.48 2.31 -13.54
N ARG A 143 13.49 2.98 -12.97
CA ARG A 143 14.76 3.15 -13.71
C ARG A 143 15.96 2.59 -12.95
N ALA A 144 15.72 1.73 -11.97
CA ALA A 144 16.73 1.23 -11.05
C ALA A 144 17.84 0.40 -11.69
N THR A 145 19.07 0.57 -11.22
CA THR A 145 20.14 -0.40 -11.50
C THR A 145 20.00 -1.28 -10.30
N ASN A 146 19.65 -2.55 -10.52
CA ASN A 146 19.65 -3.49 -9.47
C ASN A 146 20.38 -4.75 -9.92
N PHE A 147 21.05 -5.43 -9.00
CA PHE A 147 21.75 -6.67 -9.32
C PHE A 147 21.95 -7.49 -8.06
N LYS A 148 22.29 -8.76 -8.30
CA LYS A 148 22.59 -9.70 -7.23
C LYS A 148 24.10 -9.99 -7.21
N VAL A 149 24.61 -10.42 -6.03
CA VAL A 149 25.98 -10.97 -5.92
C VAL A 149 25.96 -12.23 -5.04
N ASP A 150 26.82 -13.21 -5.34
CA ASP A 150 26.89 -14.41 -4.51
C ASP A 150 28.24 -14.45 -3.82
N GLN A 151 28.57 -13.36 -3.13
CA GLN A 151 29.91 -13.23 -2.58
C GLN A 151 30.18 -11.88 -1.91
N PRO A 152 31.19 -11.84 -1.01
CA PRO A 152 31.51 -10.66 -0.22
C PRO A 152 32.16 -9.54 -1.03
N GLY A 153 31.97 -8.31 -0.58
CA GLY A 153 32.53 -7.16 -1.28
C GLY A 153 31.86 -5.92 -0.76
N THR A 154 32.37 -4.77 -1.19
CA THR A 154 31.95 -3.48 -0.67
C THR A 154 31.17 -2.76 -1.77
N VAL A 155 30.21 -1.92 -1.36
CA VAL A 155 29.38 -1.19 -2.32
C VAL A 155 29.61 0.30 -2.22
N THR A 156 29.83 0.95 -3.35
CA THR A 156 30.15 2.37 -3.38
C THR A 156 29.20 3.04 -4.34
N LEU A 157 28.78 4.24 -3.99
CA LEU A 157 27.92 5.02 -4.82
C LEU A 157 28.59 6.38 -5.02
N THR A 158 28.85 6.75 -6.27
CA THR A 158 29.62 7.97 -6.55
C THR A 158 28.83 8.96 -7.41
N PHE A 159 28.76 10.24 -7.02
CA PHE A 159 28.34 11.29 -7.95
C PHE A 159 29.53 12.04 -8.57
N THR A 160 29.70 11.99 -9.87
CA THR A 160 30.85 12.66 -10.47
C THR A 160 30.44 14.00 -11.12
N PRO A 161 30.80 15.14 -10.51
CA PRO A 161 30.29 16.41 -11.12
C PRO A 161 30.74 16.68 -12.56
N ALA A 162 29.82 17.19 -13.38
CA ALA A 162 30.07 17.47 -14.80
C ALA A 162 31.10 18.59 -15.02
N ASP A 163 31.21 19.50 -14.02
CA ASP A 163 32.25 20.57 -14.03
C ASP A 163 33.66 20.09 -13.59
N GLY A 164 33.79 18.81 -13.25
CA GLY A 164 35.11 18.29 -12.97
C GLY A 164 35.59 18.51 -11.55
N SER A 165 34.82 19.18 -10.69
CA SER A 165 35.20 19.13 -9.26
C SER A 165 35.20 17.67 -8.71
N ALA A 166 35.80 17.47 -7.54
CA ALA A 166 35.86 16.16 -6.89
C ALA A 166 34.58 15.33 -6.87
N PRO A 167 34.67 14.08 -7.33
CA PRO A 167 33.67 13.03 -7.05
C PRO A 167 33.25 13.04 -5.59
N ILE A 168 31.97 12.77 -5.35
CA ILE A 168 31.47 12.53 -4.00
C ILE A 168 31.16 11.03 -3.85
N VAL A 169 32.05 10.37 -3.13
CA VAL A 169 32.06 8.90 -3.00
C VAL A 169 31.33 8.49 -1.72
N HIS A 170 30.28 7.68 -1.84
CA HIS A 170 29.64 7.13 -0.63
C HIS A 170 29.93 5.61 -0.46
N GLU A 171 30.55 5.29 0.64
CA GLU A 171 30.84 3.91 1.01
C GLU A 171 29.61 3.30 1.71
N MET A 172 28.77 2.56 0.99
CA MET A 172 27.46 2.14 1.53
C MET A 172 27.55 1.01 2.55
N VAL A 173 28.24 -0.08 2.19
CA VAL A 173 28.29 -1.24 3.04
C VAL A 173 29.24 -2.34 2.51
N SER A 174 29.55 -3.26 3.41
CA SER A 174 30.15 -4.53 3.06
C SER A 174 29.16 -5.71 3.14
N ILE A 175 28.96 -6.32 2.00
CA ILE A 175 28.06 -7.45 1.83
C ILE A 175 28.77 -8.70 2.32
N PRO A 176 28.09 -9.51 3.14
CA PRO A 176 28.82 -10.63 3.75
C PRO A 176 28.96 -11.90 2.89
N GLU A 177 29.61 -12.93 3.46
CA GLU A 177 29.92 -14.17 2.70
C GLU A 177 28.94 -14.56 1.57
N ASP A 178 27.67 -14.68 1.91
CA ASP A 178 26.72 -15.36 1.03
C ASP A 178 26.08 -14.46 -0.01
N GLY A 179 26.60 -13.24 -0.10
CA GLY A 179 26.11 -12.25 -1.05
C GLY A 179 24.78 -11.64 -0.64
N GLY A 180 24.15 -10.97 -1.61
CA GLY A 180 22.88 -10.30 -1.44
C GLY A 180 22.50 -9.62 -2.73
N VAL A 181 21.81 -8.48 -2.57
CA VAL A 181 21.31 -7.66 -3.65
C VAL A 181 21.53 -6.20 -3.40
N VAL A 182 21.67 -5.43 -4.48
CA VAL A 182 22.10 -4.05 -4.46
C VAL A 182 21.29 -3.29 -5.49
N LEU A 183 20.91 -2.08 -5.16
CA LEU A 183 20.09 -1.37 -6.09
C LEU A 183 20.46 0.10 -5.97
N GLY A 184 20.45 0.80 -7.11
CA GLY A 184 20.66 2.28 -7.12
C GLY A 184 19.53 2.89 -7.91
N MET A 185 19.01 4.02 -7.47
CA MET A 185 17.84 4.61 -8.20
C MET A 185 17.95 6.13 -8.08
N TYR A 186 17.26 6.89 -8.91
CA TYR A 186 17.40 8.39 -8.84
C TYR A 186 16.13 9.10 -9.26
N ASN A 187 16.04 10.43 -9.05
CA ASN A 187 15.05 11.27 -9.73
C ASN A 187 15.58 12.67 -10.06
N PHE A 188 14.87 13.40 -10.95
CA PHE A 188 15.29 14.75 -11.36
C PHE A 188 14.40 15.83 -10.76
N LYS A 189 15.03 16.93 -10.33
CA LYS A 189 14.34 18.10 -9.86
C LYS A 189 13.30 18.62 -10.88
N GLU A 190 13.68 18.65 -12.15
CA GLU A 190 12.84 19.15 -13.23
C GLU A 190 11.55 18.32 -13.34
N SER A 191 11.74 17.01 -13.25
CA SER A 191 10.70 16.04 -13.30
C SER A 191 9.85 16.20 -12.06
N ILE A 192 10.46 16.28 -10.91
CA ILE A 192 9.75 16.43 -9.69
C ILE A 192 8.88 17.68 -9.74
N ARG A 193 9.43 18.79 -10.20
CA ARG A 193 8.67 20.02 -10.33
C ARG A 193 7.52 19.90 -11.28
N ASP A 194 7.75 19.25 -12.37
CA ASP A 194 6.75 19.01 -13.37
C ASP A 194 5.66 18.09 -12.84
N PHE A 195 6.01 17.22 -11.91
CA PHE A 195 5.05 16.33 -11.28
C PHE A 195 4.07 17.11 -10.39
N ALA A 196 4.60 18.01 -9.56
CA ALA A 196 3.78 18.91 -8.76
C ALA A 196 2.86 19.80 -9.59
N ARG A 197 3.38 20.38 -10.67
CA ARG A 197 2.56 21.26 -11.52
C ARG A 197 1.32 20.61 -12.05
N ALA A 198 1.51 19.47 -12.72
CA ALA A 198 0.36 18.72 -13.19
C ALA A 198 -0.54 18.38 -12.02
N SER A 199 0.05 18.14 -10.86
CA SER A 199 -0.81 17.68 -9.75
C SER A 199 -1.72 18.89 -9.31
N PHE A 200 -1.10 20.05 -9.17
CA PHE A 200 -1.87 21.18 -8.73
C PHE A 200 -2.88 21.58 -9.80
N SER A 201 -2.44 21.62 -11.06
CA SER A 201 -3.37 21.78 -12.16
C SER A 201 -4.52 20.77 -12.16
N TYR A 202 -4.23 19.52 -11.83
CA TYR A 202 -5.35 18.63 -11.84
C TYR A 202 -6.36 18.90 -10.69
N GLY A 203 -5.84 19.26 -9.52
CA GLY A 203 -6.67 19.49 -8.35
C GLY A 203 -7.47 20.78 -8.53
N LEU A 204 -6.82 21.83 -9.04
CA LEU A 204 -7.47 23.07 -9.41
C LEU A 204 -8.68 22.84 -10.33
N ASN A 205 -8.49 22.03 -11.36
CA ASN A 205 -9.55 21.85 -12.33
C ASN A 205 -10.77 21.10 -11.77
N ALA A 206 -10.50 20.08 -10.95
CA ALA A 206 -11.52 19.30 -10.32
C ALA A 206 -12.03 19.94 -9.01
N LYS A 207 -11.34 20.98 -8.54
CA LYS A 207 -11.63 21.56 -7.22
C LYS A 207 -11.60 20.43 -6.18
N TRP A 208 -10.46 19.74 -6.12
CA TRP A 208 -10.23 18.79 -5.04
C TRP A 208 -8.97 19.32 -4.33
N PRO A 209 -8.85 19.09 -2.99
CA PRO A 209 -7.55 19.42 -2.38
C PRO A 209 -6.48 18.40 -2.83
N VAL A 210 -5.23 18.72 -2.61
CA VAL A 210 -4.12 17.83 -2.97
C VAL A 210 -3.20 17.36 -1.81
N TYR A 211 -2.81 16.08 -1.86
CA TYR A 211 -1.81 15.50 -0.91
C TYR A 211 -0.59 14.87 -1.63
N LEU A 212 0.59 15.04 -1.05
CA LEU A 212 1.78 14.34 -1.44
C LEU A 212 2.09 13.41 -0.34
N SER A 213 2.33 12.15 -0.64
CA SER A 213 2.96 11.24 0.35
C SER A 213 4.44 11.12 0.11
N THR A 214 5.25 11.05 1.17
CA THR A 214 6.61 10.56 1.01
C THR A 214 7.03 9.83 2.27
N LYS A 215 8.26 9.33 2.29
CA LYS A 215 8.79 8.71 3.45
C LYS A 215 10.05 9.48 3.93
N ASN A 216 9.93 10.80 4.04
CA ASN A 216 11.06 11.70 4.26
C ASN A 216 11.61 11.62 5.65
N THR A 217 10.96 10.88 6.54
CA THR A 217 11.50 10.57 7.84
C THR A 217 12.68 9.61 7.71
N ILE A 218 12.65 8.78 6.68
CA ILE A 218 13.70 7.80 6.51
C ILE A 218 14.64 8.26 5.42
N LEU A 219 14.11 8.73 4.29
CA LEU A 219 15.01 9.24 3.21
C LEU A 219 14.96 10.75 3.21
N LYS A 220 15.84 11.36 4.00
CA LYS A 220 15.64 12.80 4.27
C LYS A 220 15.95 13.63 3.07
N ALA A 221 17.01 13.26 2.34
CA ALA A 221 17.43 14.03 1.18
C ALA A 221 16.55 13.68 -0.04
N TYR A 222 16.45 12.38 -0.35
CA TYR A 222 15.71 11.89 -1.53
C TYR A 222 14.24 12.37 -1.52
N ASP A 223 13.57 12.22 -0.40
CA ASP A 223 12.15 12.55 -0.35
C ASP A 223 11.96 13.97 0.11
N GLY A 224 12.98 14.53 0.78
CA GLY A 224 13.00 15.96 1.09
C GLY A 224 12.79 16.79 -0.18
N MET A 225 13.44 16.42 -1.29
CA MET A 225 13.23 17.14 -2.59
C MET A 225 11.82 17.05 -3.13
N PHE A 226 11.15 15.90 -2.96
CA PHE A 226 9.74 15.84 -3.32
C PHE A 226 8.96 16.88 -2.50
N LYS A 227 9.13 16.85 -1.17
CA LYS A 227 8.46 17.78 -0.27
C LYS A 227 8.79 19.26 -0.55
N ASP A 228 10.06 19.58 -0.69
CA ASP A 228 10.53 20.93 -1.02
C ASP A 228 10.04 21.50 -2.37
N GLU A 229 10.03 20.69 -3.42
CA GLU A 229 9.62 21.15 -4.69
C GLU A 229 8.11 21.23 -4.78
N PHE A 230 7.40 20.28 -4.16
CA PHE A 230 5.96 20.43 -4.05
C PHE A 230 5.54 21.77 -3.34
N GLU A 231 6.19 22.09 -2.21
CA GLU A 231 5.90 23.31 -1.45
C GLU A 231 6.29 24.54 -2.25
N ARG A 232 7.49 24.56 -2.86
CA ARG A 232 7.85 25.69 -3.77
C ARG A 232 6.83 25.86 -4.88
N VAL A 233 6.41 24.76 -5.52
CA VAL A 233 5.55 24.95 -6.69
C VAL A 233 4.19 25.44 -6.21
N TYR A 234 3.70 24.83 -5.14
CA TYR A 234 2.49 25.31 -4.50
C TYR A 234 2.51 26.84 -4.22
N GLU A 235 3.48 27.29 -3.43
CA GLU A 235 3.61 28.73 -3.08
C GLU A 235 3.77 29.71 -4.26
N GLU A 236 4.62 29.34 -5.23
CA GLU A 236 4.97 30.26 -6.28
C GLU A 236 3.85 30.42 -7.32
N GLU A 237 3.32 29.30 -7.79
CA GLU A 237 2.47 29.35 -8.96
C GLU A 237 1.09 28.77 -8.71
N PHE A 238 0.82 28.22 -7.51
CA PHE A 238 -0.52 27.62 -7.28
C PHE A 238 -1.31 28.11 -6.06
N LYS A 239 -0.62 28.58 -5.02
CA LYS A 239 -1.24 28.84 -3.72
C LYS A 239 -2.39 29.86 -3.78
N ALA A 240 -2.16 30.94 -4.53
CA ALA A 240 -3.11 32.04 -4.64
C ALA A 240 -4.41 31.62 -5.26
N GLN A 241 -4.41 30.67 -6.21
CA GLN A 241 -5.64 30.13 -6.83
C GLN A 241 -6.30 29.12 -5.92
N PHE A 242 -5.49 28.50 -5.07
CA PHE A 242 -6.00 27.44 -4.19
C PHE A 242 -6.81 28.01 -3.02
N GLU A 243 -6.26 29.02 -2.38
CA GLU A 243 -6.76 29.55 -1.14
C GLU A 243 -8.24 30.01 -1.07
N ALA A 244 -8.67 31.02 -1.79
CA ALA A 244 -8.44 31.34 -3.14
C ALA A 244 -9.66 30.76 -3.77
N ALA A 245 -9.89 29.49 -3.48
CA ALA A 245 -10.99 28.73 -4.00
C ALA A 245 -11.40 27.71 -2.97
N GLY A 246 -10.92 27.88 -1.74
CA GLY A 246 -11.19 26.97 -0.66
C GLY A 246 -10.33 25.73 -0.60
N LEU A 247 -9.45 25.60 -1.57
CA LEU A 247 -8.65 24.40 -1.74
C LEU A 247 -7.38 24.48 -0.95
N THR A 248 -6.76 23.35 -0.73
CA THR A 248 -5.56 23.22 0.05
C THR A 248 -4.49 22.24 -0.49
N TYR A 249 -3.23 22.44 -0.15
CA TYR A 249 -2.19 21.42 -0.34
C TYR A 249 -1.46 20.99 0.94
N GLU A 250 -1.23 19.68 1.12
CA GLU A 250 -0.37 19.21 2.23
C GLU A 250 0.58 18.10 1.79
N HIS A 251 1.74 18.00 2.46
CA HIS A 251 2.58 16.79 2.47
C HIS A 251 2.21 15.94 3.64
N ARG A 252 2.07 14.64 3.44
CA ARG A 252 1.91 13.71 4.58
C ARG A 252 2.81 12.52 4.42
N LEU A 253 3.19 11.90 5.52
CA LEU A 253 4.00 10.69 5.45
C LEU A 253 3.18 9.62 4.78
N ILE A 254 3.84 8.75 4.01
CA ILE A 254 3.10 7.68 3.31
C ILE A 254 2.28 6.78 4.27
N ASP A 255 2.80 6.53 5.47
CA ASP A 255 2.10 5.72 6.49
C ASP A 255 0.77 6.32 6.92
N ASP A 256 0.71 7.67 7.04
CA ASP A 256 -0.52 8.41 7.37
C ASP A 256 -1.50 8.33 6.22
N MET A 257 -0.99 8.60 5.03
CA MET A 257 -1.79 8.70 3.87
C MET A 257 -2.50 7.40 3.47
N VAL A 258 -1.85 6.25 3.64
CA VAL A 258 -2.53 5.04 3.37
C VAL A 258 -3.62 4.80 4.44
N ALA A 259 -3.41 5.21 5.67
CA ALA A 259 -4.46 5.03 6.65
C ALA A 259 -5.60 6.01 6.29
N ALA A 260 -5.24 7.27 5.98
CA ALA A 260 -6.21 8.25 5.62
C ALA A 260 -7.08 7.76 4.45
N CYS A 261 -6.46 7.13 3.46
CA CYS A 261 -7.21 6.76 2.25
C CYS A 261 -8.36 5.82 2.65
N LEU A 262 -8.08 5.03 3.68
CA LEU A 262 -9.01 4.01 4.10
C LEU A 262 -10.12 4.67 4.90
N LYS A 263 -9.78 5.71 5.62
CA LYS A 263 -10.65 6.34 6.59
C LYS A 263 -11.52 7.43 5.97
N TRP A 264 -10.93 8.27 5.13
CA TRP A 264 -11.65 9.42 4.58
C TRP A 264 -12.70 8.99 3.56
N GLU A 265 -13.51 9.95 3.13
CA GLU A 265 -14.68 9.66 2.32
C GLU A 265 -14.33 9.75 0.85
N GLY A 266 -13.22 10.43 0.55
CA GLY A 266 -12.81 10.64 -0.84
C GLY A 266 -12.82 12.12 -1.12
N GLY A 267 -12.52 12.52 -2.33
CA GLY A 267 -12.56 13.95 -2.68
C GLY A 267 -11.21 14.65 -2.58
N TYR A 268 -10.19 14.04 -3.15
CA TYR A 268 -8.87 14.65 -3.11
C TYR A 268 -8.05 13.99 -4.13
N VAL A 269 -7.03 14.70 -4.57
CA VAL A 269 -5.98 14.18 -5.44
C VAL A 269 -4.76 13.83 -4.59
N TRP A 270 -4.42 12.55 -4.56
CA TRP A 270 -3.21 12.09 -3.89
C TRP A 270 -2.18 11.92 -4.98
N ALA A 271 -1.14 12.74 -4.90
CA ALA A 271 0.05 12.61 -5.73
C ALA A 271 1.03 11.66 -5.02
N CYS A 272 1.38 10.55 -5.67
CA CYS A 272 2.32 9.55 -5.12
C CYS A 272 3.58 9.49 -5.94
N LYS A 273 4.70 9.17 -5.30
CA LYS A 273 5.92 8.80 -6.01
C LYS A 273 5.61 7.65 -6.91
N ASN A 274 6.45 7.47 -7.92
CA ASN A 274 6.19 6.45 -8.91
C ASN A 274 5.75 5.11 -8.31
N TYR A 275 6.52 4.52 -7.38
CA TYR A 275 6.16 3.17 -6.84
C TYR A 275 4.87 3.19 -6.04
N ASP A 276 4.77 4.12 -5.11
CA ASP A 276 3.55 4.33 -4.32
C ASP A 276 2.29 4.46 -5.15
N GLY A 277 2.38 5.08 -6.31
CA GLY A 277 1.22 5.28 -7.17
C GLY A 277 0.84 4.00 -7.88
N ASP A 278 1.84 3.19 -8.23
CA ASP A 278 1.61 1.91 -8.88
C ASP A 278 0.88 0.99 -7.87
N VAL A 279 1.27 1.06 -6.62
CA VAL A 279 0.71 0.13 -5.67
C VAL A 279 -0.66 0.65 -5.19
N GLN A 280 -0.68 1.88 -4.69
CA GLN A 280 -1.91 2.43 -4.12
C GLN A 280 -3.00 2.38 -5.14
N SER A 281 -2.68 2.62 -6.40
CA SER A 281 -3.71 2.72 -7.45
C SER A 281 -4.51 1.46 -7.48
N ASP A 282 -3.87 0.35 -7.07
CA ASP A 282 -4.45 -0.97 -7.16
C ASP A 282 -5.28 -1.25 -5.91
N THR A 283 -4.89 -0.69 -4.79
CA THR A 283 -5.78 -0.68 -3.61
C THR A 283 -7.09 0.11 -3.95
N VAL A 284 -6.97 1.27 -4.55
CA VAL A 284 -8.19 2.05 -4.71
C VAL A 284 -9.16 1.45 -5.76
N ALA A 285 -8.62 1.06 -6.90
CA ALA A 285 -9.39 0.37 -7.93
C ALA A 285 -10.07 -0.89 -7.45
N GLN A 286 -9.42 -1.60 -6.52
CA GLN A 286 -10.01 -2.82 -6.02
C GLN A 286 -11.19 -2.35 -5.18
N GLY A 287 -10.98 -1.31 -4.39
CA GLY A 287 -12.05 -0.76 -3.58
C GLY A 287 -13.35 -0.65 -4.34
N TYR A 288 -13.31 -0.05 -5.53
CA TYR A 288 -14.50 0.16 -6.38
C TYR A 288 -14.98 -1.08 -7.12
N GLY A 289 -14.21 -2.15 -7.04
CA GLY A 289 -14.77 -3.43 -7.38
C GLY A 289 -14.62 -3.77 -8.84
N SER A 290 -14.42 -2.75 -9.68
CA SER A 290 -14.36 -2.95 -11.13
C SER A 290 -13.65 -1.81 -11.89
N LEU A 291 -12.75 -2.20 -12.79
CA LEU A 291 -12.05 -1.26 -13.62
C LEU A 291 -12.90 -0.52 -14.67
N GLY A 292 -14.05 -1.10 -15.02
CA GLY A 292 -15.07 -0.33 -15.78
C GLY A 292 -15.49 0.97 -15.12
N LEU A 293 -15.18 1.15 -13.83
CA LEU A 293 -15.43 2.44 -13.15
C LEU A 293 -14.22 3.34 -12.96
N MET A 294 -13.13 3.08 -13.70
CA MET A 294 -11.87 3.85 -13.52
C MET A 294 -11.39 4.41 -14.79
N THR A 295 -11.16 5.73 -14.79
CA THR A 295 -10.51 6.42 -15.88
C THR A 295 -9.04 6.74 -15.57
N SER A 296 -8.27 7.11 -16.60
CA SER A 296 -6.97 7.80 -16.45
C SER A 296 -6.70 8.27 -17.84
N VAL A 297 -6.54 9.53 -18.24
CA VAL A 297 -6.34 10.86 -17.61
C VAL A 297 -4.95 11.41 -17.46
N LEU A 298 -4.34 11.63 -18.62
CA LEU A 298 -3.07 12.31 -18.73
C LEU A 298 -3.32 13.79 -18.83
N MET A 299 -2.72 14.53 -17.91
CA MET A 299 -2.79 15.97 -17.91
C MET A 299 -1.38 16.50 -17.85
N THR A 300 -1.11 17.49 -18.69
CA THR A 300 0.16 18.19 -18.69
C THR A 300 0.31 19.16 -17.51
N ALA A 301 1.53 19.63 -17.29
CA ALA A 301 1.82 20.58 -16.21
C ALA A 301 0.95 21.89 -16.17
N ASP A 302 0.30 22.22 -17.27
CA ASP A 302 0.02 23.62 -17.44
C ASP A 302 -1.41 24.16 -17.41
N GLY A 303 -2.48 23.38 -17.47
CA GLY A 303 -2.56 22.01 -17.76
C GLY A 303 -3.49 22.10 -18.96
N LYS A 304 -2.90 22.39 -20.12
CA LYS A 304 -3.62 22.61 -21.38
C LYS A 304 -4.01 21.36 -22.23
N THR A 305 -3.29 20.25 -22.03
CA THR A 305 -3.45 19.07 -22.83
C THR A 305 -3.95 17.98 -21.93
N VAL A 306 -5.04 17.36 -22.32
CA VAL A 306 -5.59 16.23 -21.56
C VAL A 306 -5.77 15.05 -22.50
N GLU A 307 -5.40 13.86 -22.03
CA GLU A 307 -5.77 12.67 -22.77
C GLU A 307 -6.42 11.62 -21.86
N ALA A 308 -7.58 11.11 -22.31
CA ALA A 308 -8.38 10.27 -21.48
C ALA A 308 -8.58 8.89 -22.08
N GLU A 309 -8.46 7.88 -21.22
CA GLU A 309 -8.79 6.53 -21.60
C GLU A 309 -9.26 5.72 -20.43
N ALA A 310 -9.95 4.64 -20.76
CA ALA A 310 -10.29 3.65 -19.78
C ALA A 310 -9.03 3.06 -19.10
N ALA A 311 -9.10 2.93 -17.77
CA ALA A 311 -7.99 2.39 -17.01
C ALA A 311 -7.81 0.89 -17.26
N HIS A 312 -8.88 0.20 -17.64
CA HIS A 312 -8.71 -1.20 -18.04
C HIS A 312 -8.09 -1.31 -19.44
N GLY A 313 -7.74 -2.53 -19.76
CA GLY A 313 -7.29 -2.97 -21.08
C GLY A 313 -8.38 -3.42 -22.03
N THR A 314 -8.03 -4.34 -22.93
CA THR A 314 -8.82 -4.59 -24.11
C THR A 314 -9.84 -5.72 -23.95
N VAL A 315 -9.86 -6.31 -22.76
CA VAL A 315 -10.82 -7.30 -22.34
C VAL A 315 -10.82 -8.48 -23.28
N THR A 316 -9.64 -8.99 -23.59
CA THR A 316 -9.47 -10.10 -24.48
C THR A 316 -10.52 -11.21 -24.22
N ARG A 317 -10.75 -11.56 -22.96
CA ARG A 317 -11.60 -12.68 -22.64
C ARG A 317 -13.00 -12.51 -23.19
N HIS A 318 -13.50 -11.26 -23.08
CA HIS A 318 -14.77 -10.87 -23.69
C HIS A 318 -14.69 -10.94 -25.18
N TYR A 319 -13.61 -10.40 -25.75
CA TYR A 319 -13.41 -10.48 -27.19
C TYR A 319 -13.49 -11.91 -27.71
N ARG A 320 -12.83 -12.87 -27.04
CA ARG A 320 -12.91 -14.26 -27.51
C ARG A 320 -14.38 -14.69 -27.54
N GLN A 321 -15.21 -14.11 -26.68
CA GLN A 321 -16.60 -14.49 -26.65
C GLN A 321 -17.39 -13.86 -27.77
N TYR A 322 -17.19 -12.57 -27.98
CA TYR A 322 -17.81 -11.90 -29.07
C TYR A 322 -17.41 -12.53 -30.38
N GLN A 323 -16.17 -12.99 -30.48
CA GLN A 323 -15.70 -13.56 -31.76
C GLN A 323 -16.40 -14.83 -32.14
N ALA A 324 -16.82 -15.58 -31.12
CA ALA A 324 -17.49 -16.86 -31.34
C ALA A 324 -18.95 -16.64 -31.63
N GLY A 325 -19.43 -15.44 -31.33
CA GLY A 325 -20.83 -15.10 -31.60
C GLY A 325 -21.63 -15.31 -30.34
N LYS A 326 -20.89 -15.42 -29.25
CA LYS A 326 -21.48 -15.67 -27.97
C LYS A 326 -21.73 -14.31 -27.27
N PRO A 327 -22.51 -14.33 -26.17
CA PRO A 327 -22.79 -13.05 -25.56
C PRO A 327 -21.68 -12.57 -24.60
N THR A 328 -21.61 -11.24 -24.43
CA THR A 328 -20.66 -10.57 -23.57
C THR A 328 -21.35 -9.59 -22.63
N SER A 329 -20.68 -9.28 -21.51
CA SER A 329 -21.21 -8.28 -20.62
C SER A 329 -20.12 -7.27 -20.26
N THR A 330 -19.78 -6.39 -21.21
CA THR A 330 -18.62 -5.50 -21.05
C THR A 330 -19.00 -4.13 -20.62
N ASN A 331 -18.38 -3.65 -19.55
CA ASN A 331 -18.72 -2.35 -19.01
C ASN A 331 -18.19 -1.30 -19.94
N PRO A 332 -19.05 -0.40 -20.44
CA PRO A 332 -18.66 0.74 -21.27
C PRO A 332 -18.37 2.01 -20.52
N ILE A 333 -18.61 2.01 -19.21
CA ILE A 333 -18.58 3.27 -18.41
C ILE A 333 -17.29 4.12 -18.48
N ALA A 334 -16.14 3.54 -18.10
CA ALA A 334 -14.86 4.24 -18.26
C ALA A 334 -14.61 4.77 -19.66
N SER A 335 -14.96 3.96 -20.67
CA SER A 335 -14.72 4.39 -22.05
C SER A 335 -15.53 5.63 -22.37
N ILE A 336 -16.82 5.57 -22.04
CA ILE A 336 -17.74 6.71 -22.13
C ILE A 336 -17.17 7.89 -21.36
N PHE A 337 -16.74 7.63 -20.13
CA PHE A 337 -16.21 8.72 -19.30
C PHE A 337 -14.89 9.27 -19.83
N ALA A 338 -14.17 8.43 -20.58
CA ALA A 338 -13.04 8.94 -21.33
C ALA A 338 -13.47 10.00 -22.38
N TRP A 339 -14.44 9.62 -23.21
CA TRP A 339 -15.09 10.55 -24.14
C TRP A 339 -15.63 11.81 -23.42
N THR A 340 -16.46 11.60 -22.39
CA THR A 340 -17.09 12.75 -21.69
C THR A 340 -16.03 13.68 -21.15
N ARG A 341 -14.97 13.07 -20.66
CA ARG A 341 -13.85 13.84 -20.14
C ARG A 341 -13.16 14.66 -21.20
N GLY A 342 -12.93 14.05 -22.37
CA GLY A 342 -12.24 14.75 -23.45
C GLY A 342 -13.14 15.91 -23.89
N LEU A 343 -14.43 15.64 -24.06
CA LEU A 343 -15.38 16.69 -24.49
C LEU A 343 -15.42 17.89 -23.50
N GLN A 344 -15.39 17.55 -22.21
CA GLN A 344 -15.27 18.49 -21.11
C GLN A 344 -14.17 19.50 -21.28
N HIS A 345 -12.96 19.02 -21.54
CA HIS A 345 -11.80 19.88 -21.65
C HIS A 345 -11.87 20.65 -22.97
N ARG A 346 -12.52 20.03 -23.96
CA ARG A 346 -12.55 20.58 -25.29
C ARG A 346 -13.42 21.87 -25.30
N GLY A 347 -14.63 21.77 -24.76
CA GLY A 347 -15.51 22.89 -24.62
C GLY A 347 -14.98 23.91 -23.64
N LYS A 348 -14.15 23.47 -22.69
CA LYS A 348 -13.43 24.36 -21.76
C LYS A 348 -12.50 25.28 -22.55
N LEU A 349 -11.71 24.68 -23.43
CA LEU A 349 -10.79 25.44 -24.27
C LEU A 349 -11.58 26.23 -25.31
N ASP A 350 -12.85 25.85 -25.52
CA ASP A 350 -13.57 26.31 -26.72
C ASP A 350 -14.32 27.67 -26.87
N GLY A 351 -15.01 28.26 -25.89
CA GLY A 351 -15.43 27.75 -24.61
C GLY A 351 -16.94 27.72 -24.79
N THR A 352 -17.42 26.51 -25.04
CA THR A 352 -18.73 26.27 -25.58
C THR A 352 -19.51 25.44 -24.54
N PRO A 353 -20.21 26.13 -23.63
CA PRO A 353 -20.77 25.47 -22.46
C PRO A 353 -21.68 24.28 -22.81
N GLU A 354 -22.31 24.33 -23.96
CA GLU A 354 -23.11 23.24 -24.48
C GLU A 354 -22.34 21.91 -24.60
N VAL A 355 -21.16 21.90 -25.20
CA VAL A 355 -20.36 20.67 -25.20
C VAL A 355 -20.13 20.17 -23.80
N ILE A 356 -19.84 21.09 -22.91
CA ILE A 356 -19.73 20.74 -21.52
C ILE A 356 -20.99 20.20 -20.88
N ASP A 357 -22.12 20.79 -21.14
CA ASP A 357 -23.29 20.28 -20.50
C ASP A 357 -23.67 18.89 -21.05
N PHE A 358 -23.42 18.67 -22.34
CA PHE A 358 -23.63 17.40 -22.96
C PHE A 358 -22.75 16.33 -22.29
N ALA A 359 -21.47 16.68 -22.12
CA ALA A 359 -20.56 15.87 -21.35
C ALA A 359 -21.23 15.45 -20.06
N HIS A 360 -21.68 16.43 -19.28
CA HIS A 360 -22.19 16.14 -17.96
C HIS A 360 -23.50 15.36 -17.95
N LYS A 361 -24.38 15.68 -18.91
CA LYS A 361 -25.69 15.04 -19.01
C LYS A 361 -25.48 13.57 -19.29
N LEU A 362 -24.63 13.32 -20.29
CA LEU A 362 -24.27 11.96 -20.68
C LEU A 362 -23.81 11.27 -19.42
N GLU A 363 -22.84 11.85 -18.76
CA GLU A 363 -22.36 11.28 -17.50
C GLU A 363 -23.51 10.93 -16.57
N SER A 364 -24.37 11.92 -16.26
CA SER A 364 -25.50 11.69 -15.37
C SER A 364 -26.48 10.59 -15.82
N VAL A 365 -26.76 10.53 -17.11
CA VAL A 365 -27.66 9.52 -17.65
C VAL A 365 -27.12 8.12 -17.29
N VAL A 366 -25.80 7.97 -17.49
CA VAL A 366 -25.07 6.75 -17.19
C VAL A 366 -25.22 6.39 -15.73
N ILE A 367 -24.91 7.35 -14.85
CA ILE A 367 -25.04 7.10 -13.42
C ILE A 367 -26.49 6.71 -13.11
N ALA A 368 -27.43 7.47 -13.69
CA ALA A 368 -28.87 7.24 -13.54
C ALA A 368 -29.28 5.86 -14.03
N THR A 369 -28.86 5.46 -15.23
CA THR A 369 -29.17 4.11 -15.73
C THR A 369 -28.78 2.98 -14.76
N VAL A 370 -27.65 3.13 -14.09
CA VAL A 370 -27.16 2.06 -13.22
C VAL A 370 -27.89 2.12 -11.89
N GLU A 371 -28.12 3.34 -11.41
CA GLU A 371 -29.01 3.64 -10.29
C GLU A 371 -30.42 3.52 -10.84
N SER A 372 -30.86 2.28 -10.97
CA SER A 372 -32.09 1.91 -11.63
C SER A 372 -32.09 0.39 -11.73
N GLY A 373 -30.91 -0.20 -11.89
CA GLY A 373 -30.80 -1.65 -11.93
C GLY A 373 -30.35 -2.12 -13.30
N LYS A 374 -30.04 -1.18 -14.17
CA LYS A 374 -29.58 -1.51 -15.53
C LYS A 374 -28.03 -1.44 -15.60
N MET A 375 -27.38 -2.60 -15.71
CA MET A 375 -25.93 -2.67 -15.57
C MET A 375 -25.34 -3.94 -16.16
N THR A 376 -24.03 -3.92 -16.44
CA THR A 376 -23.26 -5.10 -16.87
C THR A 376 -22.82 -6.02 -15.70
N LYS A 377 -22.50 -7.26 -15.99
CA LYS A 377 -22.22 -8.26 -14.99
C LYS A 377 -21.18 -7.87 -13.90
N ASP A 378 -20.12 -7.15 -14.30
CA ASP A 378 -19.04 -6.76 -13.35
C ASP A 378 -19.59 -5.86 -12.23
N LEU A 379 -20.60 -5.03 -12.53
CA LEU A 379 -21.30 -4.23 -11.49
C LEU A 379 -22.34 -5.05 -10.68
N ALA A 380 -23.08 -5.89 -11.37
CA ALA A 380 -24.09 -6.68 -10.73
C ALA A 380 -23.49 -7.52 -9.63
N ILE A 381 -22.37 -8.17 -9.87
CA ILE A 381 -21.89 -9.04 -8.87
C ILE A 381 -21.35 -8.28 -7.68
N LEU A 382 -21.20 -6.99 -7.81
CA LEU A 382 -20.69 -6.19 -6.73
C LEU A 382 -21.82 -6.01 -5.77
N ILE A 383 -23.00 -5.83 -6.34
CA ILE A 383 -24.25 -5.69 -5.63
C ILE A 383 -24.67 -7.01 -5.01
N GLY A 384 -25.00 -7.99 -5.81
CA GLY A 384 -25.36 -9.29 -5.29
C GLY A 384 -25.65 -10.34 -6.32
N PRO A 385 -25.96 -11.61 -5.81
CA PRO A 385 -26.23 -12.60 -6.84
C PRO A 385 -27.69 -12.53 -7.23
N GLU A 386 -28.49 -11.81 -6.49
CA GLU A 386 -29.88 -11.66 -6.86
C GLU A 386 -29.96 -10.76 -8.04
N GLN A 387 -28.96 -9.91 -8.20
CA GLN A 387 -28.97 -8.88 -9.19
C GLN A 387 -28.69 -9.46 -10.55
N ASP A 388 -29.59 -9.23 -11.49
CA ASP A 388 -29.49 -9.74 -12.84
C ASP A 388 -28.69 -8.66 -13.57
N TRP A 389 -28.33 -8.87 -14.82
CA TRP A 389 -27.57 -7.85 -15.56
C TRP A 389 -27.80 -7.86 -17.05
N LEU A 390 -27.35 -6.80 -17.69
CA LEU A 390 -27.47 -6.56 -19.12
C LEU A 390 -26.18 -7.01 -19.84
N ASN A 391 -26.34 -7.65 -21.01
CA ASN A 391 -25.25 -7.84 -21.97
C ASN A 391 -24.87 -6.49 -22.59
N SER A 392 -23.71 -6.42 -23.24
CA SER A 392 -23.04 -5.14 -23.54
C SER A 392 -23.89 -4.21 -24.41
N GLU A 393 -24.46 -4.81 -25.45
CA GLU A 393 -25.35 -4.14 -26.38
C GLU A 393 -26.62 -3.62 -25.64
N GLU A 394 -27.26 -4.53 -24.89
CA GLU A 394 -28.40 -4.20 -24.04
C GLU A 394 -28.08 -2.99 -23.13
N PHE A 395 -26.92 -3.03 -22.46
CA PHE A 395 -26.62 -1.94 -21.54
C PHE A 395 -26.46 -0.61 -22.27
N LEU A 396 -25.84 -0.61 -23.45
CA LEU A 396 -25.65 0.60 -24.23
C LEU A 396 -26.95 1.10 -24.81
N ASP A 397 -27.78 0.15 -25.21
CA ASP A 397 -29.09 0.53 -25.70
C ASP A 397 -29.83 1.20 -24.52
N ALA A 398 -29.80 0.62 -23.35
CA ALA A 398 -30.47 1.25 -22.26
C ALA A 398 -30.04 2.68 -22.11
N ILE A 399 -28.73 2.92 -22.16
CA ILE A 399 -28.20 4.24 -21.95
C ILE A 399 -28.73 5.12 -23.02
N ALA A 400 -28.70 4.59 -24.22
CA ALA A 400 -29.08 5.31 -25.41
C ALA A 400 -30.51 5.83 -25.32
N ASP A 401 -31.39 4.99 -24.81
CA ASP A 401 -32.77 5.37 -24.61
C ASP A 401 -32.86 6.42 -23.52
N ASN A 402 -32.34 6.10 -22.34
CA ASN A 402 -32.35 7.02 -21.21
C ASN A 402 -31.73 8.33 -21.59
N LEU A 403 -30.96 8.34 -22.65
CA LEU A 403 -30.32 9.53 -23.08
C LEU A 403 -31.24 10.16 -24.08
N GLU A 404 -31.91 9.33 -24.87
CA GLU A 404 -32.81 9.87 -25.86
C GLU A 404 -33.86 10.69 -25.16
N LYS A 405 -34.52 10.10 -24.18
CA LYS A 405 -35.49 10.82 -23.35
C LYS A 405 -35.03 12.18 -22.88
N GLU A 406 -33.84 12.63 -23.24
CA GLU A 406 -33.47 14.01 -23.09
C GLU A 406 -32.48 14.44 -24.14
N PRO B 5 -6.22 -25.92 42.61
CA PRO B 5 -6.27 -26.60 41.31
C PRO B 5 -5.35 -25.97 40.23
N LYS B 6 -4.95 -24.70 40.44
CA LYS B 6 -4.33 -23.82 39.43
C LYS B 6 -3.40 -24.48 38.39
N ILE B 7 -3.56 -24.08 37.12
CA ILE B 7 -2.82 -24.69 36.00
C ILE B 7 -1.31 -24.49 36.14
N LYS B 8 -0.58 -25.57 35.95
CA LYS B 8 0.81 -25.60 36.21
C LYS B 8 1.54 -25.35 34.91
N VAL B 9 2.29 -24.24 34.86
CA VAL B 9 3.11 -23.89 33.69
C VAL B 9 4.47 -24.46 33.94
N SER B 10 5.03 -25.13 32.94
CA SER B 10 6.25 -25.87 33.17
C SER B 10 7.45 -24.95 33.19
N GLY B 11 7.97 -24.59 32.00
CA GLY B 11 9.18 -23.74 31.87
C GLY B 11 8.89 -22.29 32.27
N PRO B 12 9.93 -21.45 32.27
CA PRO B 12 9.73 -20.04 32.64
C PRO B 12 9.26 -19.06 31.53
N VAL B 13 8.38 -18.14 31.88
CA VAL B 13 7.97 -17.04 31.01
C VAL B 13 8.69 -15.74 31.38
N VAL B 14 9.67 -15.35 30.54
CA VAL B 14 10.40 -14.08 30.71
C VAL B 14 9.43 -12.89 30.56
N GLU B 15 9.35 -12.06 31.56
CA GLU B 15 8.43 -10.92 31.56
C GLU B 15 9.19 -9.60 31.61
N LEU B 16 8.75 -8.66 30.76
CA LEU B 16 9.45 -7.41 30.50
C LEU B 16 8.52 -6.30 30.82
N ASP B 17 8.79 -5.58 31.90
CA ASP B 17 7.90 -4.53 32.33
C ASP B 17 8.12 -3.24 31.51
N GLY B 18 7.23 -2.27 31.66
CA GLY B 18 7.17 -1.12 30.80
C GLY B 18 6.70 0.19 31.39
N ASP B 19 6.01 0.99 30.58
CA ASP B 19 5.85 2.37 30.92
C ASP B 19 4.43 2.92 30.94
N GLU B 20 4.29 4.00 31.72
CA GLU B 20 3.13 4.87 31.74
C GLU B 20 1.82 4.08 31.79
N MET B 21 0.83 4.47 30.97
CA MET B 21 -0.49 3.90 31.15
C MET B 21 -0.43 2.41 31.00
N THR B 22 0.27 1.92 29.98
CA THR B 22 0.41 0.49 29.82
C THR B 22 1.05 -0.24 31.02
N ARG B 23 1.92 0.41 31.77
CA ARG B 23 2.49 -0.24 32.97
C ARG B 23 1.41 -0.63 34.01
N VAL B 24 0.49 0.30 34.23
CA VAL B 24 -0.65 0.15 35.15
C VAL B 24 -1.51 -1.06 34.73
N ILE B 25 -2.08 -0.98 33.52
CA ILE B 25 -2.98 -2.00 32.96
C ILE B 25 -2.31 -3.34 33.01
N TRP B 26 -1.01 -3.30 32.79
CA TRP B 26 -0.21 -4.47 32.74
C TRP B 26 -0.13 -5.20 34.10
N LYS B 27 -0.18 -4.47 35.21
CA LYS B 27 -0.14 -5.15 36.50
C LYS B 27 -1.54 -5.73 36.73
N LEU B 28 -2.56 -4.89 36.57
CA LEU B 28 -3.94 -5.36 36.65
C LEU B 28 -4.07 -6.66 35.89
N ILE B 29 -3.61 -6.69 34.64
CA ILE B 29 -3.70 -7.93 33.87
C ILE B 29 -2.99 -9.08 34.56
N LYS B 30 -1.79 -8.88 35.03
CA LYS B 30 -1.05 -9.97 35.67
C LYS B 30 -1.86 -10.52 36.86
N ASP B 31 -2.33 -9.57 37.66
CA ASP B 31 -2.87 -9.86 38.97
C ASP B 31 -4.27 -10.43 38.87
N MET B 32 -5.13 -9.78 38.07
CA MET B 32 -6.50 -10.22 37.85
C MET B 32 -6.65 -11.43 36.93
N LEU B 33 -5.96 -11.44 35.77
CA LEU B 33 -6.16 -12.53 34.78
C LEU B 33 -5.13 -13.67 34.69
N ILE B 34 -3.97 -13.55 35.34
CA ILE B 34 -2.90 -14.56 35.12
C ILE B 34 -2.44 -15.35 36.34
N LEU B 35 -2.03 -14.61 37.38
CA LEU B 35 -1.37 -15.20 38.54
C LEU B 35 -2.36 -16.09 39.32
N PRO B 36 -3.62 -15.62 39.35
CA PRO B 36 -4.65 -16.22 40.12
C PRO B 36 -5.33 -17.32 39.37
N TYR B 37 -4.81 -17.72 38.20
CA TYR B 37 -5.22 -18.99 37.56
C TYR B 37 -4.02 -19.87 37.12
N LEU B 38 -2.81 -19.49 37.50
CA LEU B 38 -1.63 -20.19 37.00
C LEU B 38 -0.47 -20.26 37.97
N ASP B 39 0.32 -21.33 37.85
CA ASP B 39 1.47 -21.50 38.70
C ASP B 39 2.75 -21.34 37.90
N ILE B 40 3.13 -20.09 37.71
CA ILE B 40 4.06 -19.70 36.65
C ILE B 40 5.34 -19.13 37.25
N ARG B 41 6.51 -19.56 36.75
CA ARG B 41 7.79 -18.87 37.03
C ARG B 41 8.08 -17.74 36.00
N LEU B 42 7.71 -16.49 36.36
CA LEU B 42 8.12 -15.23 35.70
C LEU B 42 9.58 -14.77 35.95
N ASP B 43 10.42 -14.84 34.93
CA ASP B 43 11.74 -14.27 35.02
C ASP B 43 11.63 -12.78 34.62
N TYR B 44 11.63 -11.93 35.64
CA TYR B 44 11.16 -10.57 35.51
C TYR B 44 12.31 -9.61 35.24
N TYR B 45 12.07 -8.72 34.28
CA TYR B 45 13.00 -7.68 33.92
C TYR B 45 12.22 -6.41 33.74
N ASP B 46 12.55 -5.41 34.56
CA ASP B 46 11.84 -4.14 34.53
C ASP B 46 12.42 -3.20 33.46
N LEU B 47 11.67 -2.99 32.39
CA LEU B 47 12.11 -2.12 31.27
C LEU B 47 11.37 -0.76 31.27
N GLY B 48 10.81 -0.40 32.41
CA GLY B 48 10.25 0.95 32.59
C GLY B 48 11.44 1.86 32.38
N ILE B 49 11.22 3.09 31.96
CA ILE B 49 12.35 3.95 31.54
C ILE B 49 13.40 4.13 32.63
N GLU B 50 12.94 4.18 33.88
CA GLU B 50 13.79 4.56 35.01
C GLU B 50 14.82 3.49 35.27
N HIS B 51 14.36 2.25 35.24
CA HIS B 51 15.24 1.12 35.55
C HIS B 51 16.11 0.90 34.35
N ARG B 52 15.63 1.26 33.16
CA ARG B 52 16.55 1.14 32.04
C ARG B 52 17.65 2.17 32.28
N ASP B 53 17.25 3.39 32.63
CA ASP B 53 18.23 4.45 32.89
C ASP B 53 19.18 4.05 34.04
N ALA B 54 18.62 3.46 35.10
CA ALA B 54 19.45 3.13 36.28
C ALA B 54 20.52 2.10 35.94
N THR B 55 20.28 1.27 34.92
CA THR B 55 21.25 0.25 34.51
C THR B 55 22.02 0.69 33.26
N ASP B 56 21.83 1.95 32.83
CA ASP B 56 22.43 2.32 31.55
C ASP B 56 22.02 1.32 30.46
N ASP B 57 20.75 0.88 30.51
CA ASP B 57 20.16 -0.02 29.49
C ASP B 57 20.68 -1.47 29.50
N GLN B 58 21.54 -1.82 30.45
CA GLN B 58 21.96 -3.25 30.56
C GLN B 58 20.72 -4.17 30.73
N VAL B 59 19.71 -3.68 31.46
CA VAL B 59 18.56 -4.48 31.74
C VAL B 59 17.97 -5.00 30.45
N THR B 60 18.03 -4.18 29.40
CA THR B 60 17.51 -4.53 28.09
C THR B 60 18.24 -5.66 27.48
N ILE B 61 19.56 -5.67 27.61
CA ILE B 61 20.37 -6.77 27.10
C ILE B 61 20.00 -8.07 27.86
N ASP B 62 19.72 -7.93 29.16
CA ASP B 62 19.57 -9.04 30.08
C ASP B 62 18.24 -9.69 29.79
N ALA B 63 17.25 -8.85 29.49
CA ALA B 63 15.93 -9.35 29.19
C ALA B 63 16.04 -10.13 27.91
N ALA B 64 16.82 -9.63 26.96
CA ALA B 64 16.90 -10.24 25.64
C ALA B 64 17.59 -11.57 25.71
N TYR B 65 18.78 -11.62 26.29
CA TYR B 65 19.41 -12.91 26.56
C TYR B 65 18.59 -13.90 27.40
N ALA B 66 17.70 -13.40 28.25
CA ALA B 66 16.79 -14.27 29.02
C ALA B 66 15.79 -14.96 28.10
N ILE B 67 15.22 -14.17 27.18
CA ILE B 67 14.33 -14.68 26.16
C ILE B 67 15.07 -15.67 25.28
N LYS B 68 16.32 -15.40 24.98
CA LYS B 68 17.05 -16.30 24.14
C LYS B 68 17.10 -17.64 24.84
N LYS B 69 17.64 -17.62 26.06
CA LYS B 69 17.83 -18.81 26.87
C LYS B 69 16.50 -19.57 27.02
N HIS B 70 15.43 -18.86 27.33
CA HIS B 70 14.21 -19.54 27.71
C HIS B 70 13.13 -19.73 26.69
N GLY B 71 13.24 -19.02 25.55
CA GLY B 71 12.39 -19.25 24.41
C GLY B 71 11.07 -18.51 24.46
N VAL B 72 10.77 -17.84 25.57
CA VAL B 72 9.49 -17.13 25.69
C VAL B 72 9.60 -15.77 26.39
N GLY B 73 9.09 -14.71 25.75
CA GLY B 73 8.99 -13.42 26.42
C GLY B 73 7.66 -12.77 26.19
N VAL B 74 7.16 -12.07 27.21
CA VAL B 74 5.97 -11.20 27.06
C VAL B 74 6.33 -9.81 27.56
N LYS B 75 5.93 -8.77 26.83
CA LYS B 75 6.47 -7.45 27.07
C LYS B 75 5.41 -6.33 27.06
N CYS B 76 5.49 -5.52 28.08
CA CYS B 76 4.70 -4.32 28.20
C CYS B 76 5.27 -3.25 27.24
N ALA B 77 4.41 -2.34 26.76
CA ALA B 77 4.89 -1.26 25.88
C ALA B 77 5.91 -0.46 26.64
N THR B 78 6.95 -0.03 25.95
CA THR B 78 7.97 0.80 26.61
C THR B 78 8.20 2.13 25.92
N ILE B 79 8.67 3.12 26.66
CA ILE B 79 9.08 4.40 26.10
C ILE B 79 10.35 4.27 25.27
N THR B 80 10.31 4.85 24.05
CA THR B 80 11.50 4.98 23.23
C THR B 80 11.93 6.43 23.37
N PRO B 81 13.17 6.65 23.85
CA PRO B 81 13.69 7.98 24.14
C PRO B 81 13.89 8.83 22.92
N ASP B 82 13.52 10.10 23.07
CA ASP B 82 13.87 11.18 22.15
C ASP B 82 14.16 12.34 23.10
N GLU B 83 14.23 13.53 22.52
CA GLU B 83 14.74 14.66 23.22
C GLU B 83 13.85 15.05 24.41
N ALA B 84 12.55 15.24 24.17
CA ALA B 84 11.59 15.43 25.27
C ALA B 84 11.68 14.38 26.38
N ARG B 85 11.94 13.12 26.05
CA ARG B 85 11.94 12.17 27.15
C ARG B 85 13.24 12.27 27.91
N VAL B 86 14.30 12.67 27.21
CA VAL B 86 15.61 12.82 27.84
C VAL B 86 15.50 13.87 28.91
N GLU B 87 14.69 14.90 28.64
CA GLU B 87 14.43 15.98 29.60
C GLU B 87 13.40 15.53 30.65
N GLU B 88 12.31 14.93 30.24
CA GLU B 88 11.29 14.52 31.19
C GLU B 88 11.84 13.60 32.26
N PHE B 89 12.71 12.68 31.85
CA PHE B 89 13.17 11.64 32.77
C PHE B 89 14.62 11.81 33.24
N ASN B 90 15.27 12.90 32.79
CA ASN B 90 16.68 13.13 33.11
C ASN B 90 17.57 11.97 32.64
N LEU B 91 17.37 11.50 31.44
CA LEU B 91 18.11 10.29 31.03
C LEU B 91 19.63 10.56 30.91
N LYS B 92 20.46 9.61 31.37
CA LYS B 92 21.91 9.84 31.26
C LYS B 92 22.33 9.93 29.81
N LYS B 93 21.70 9.20 28.91
CA LYS B 93 22.06 9.19 27.49
C LYS B 93 20.79 8.78 26.78
N MET B 94 20.76 8.96 25.46
CA MET B 94 19.54 8.67 24.70
C MET B 94 19.46 7.21 24.34
N TRP B 95 18.90 6.42 25.24
CA TRP B 95 18.95 4.97 25.12
C TRP B 95 18.23 4.55 23.84
N LEU B 96 18.71 3.50 23.19
CA LEU B 96 18.11 3.12 21.89
C LEU B 96 16.82 2.35 22.20
N SER B 97 15.87 2.32 21.28
CA SER B 97 14.64 1.49 21.38
C SER B 97 14.93 0.08 21.89
N PRO B 98 14.29 -0.32 23.00
CA PRO B 98 14.54 -1.62 23.57
C PRO B 98 13.99 -2.70 22.66
N ASN B 99 13.02 -2.35 21.84
CA ASN B 99 12.56 -3.27 20.83
C ASN B 99 13.57 -3.60 19.79
N GLY B 100 14.34 -2.58 19.38
CA GLY B 100 15.40 -2.77 18.39
C GLY B 100 16.58 -3.56 18.97
N THR B 101 16.82 -3.40 20.25
CA THR B 101 17.92 -4.12 20.88
C THR B 101 17.46 -5.57 21.13
N ILE B 102 16.25 -5.77 21.57
CA ILE B 102 15.71 -7.13 21.63
C ILE B 102 15.76 -7.86 20.28
N ARG B 103 15.34 -7.21 19.23
CA ARG B 103 15.29 -7.79 17.93
C ARG B 103 16.64 -8.25 17.41
N ASN B 104 17.65 -7.50 17.75
CA ASN B 104 18.95 -7.68 17.22
C ASN B 104 19.70 -8.74 17.96
N ILE B 105 19.33 -8.92 19.19
CA ILE B 105 19.93 -9.95 19.99
C ILE B 105 19.30 -11.28 19.58
N LEU B 106 17.99 -11.26 19.36
CA LEU B 106 17.22 -12.47 19.10
C LEU B 106 17.18 -12.84 17.63
N GLY B 107 17.43 -11.87 16.75
CA GLY B 107 17.04 -11.99 15.35
C GLY B 107 15.53 -12.15 15.17
N GLY B 108 15.14 -12.79 14.09
CA GLY B 108 13.73 -13.02 13.83
C GLY B 108 12.94 -11.88 13.14
N THR B 109 11.61 -12.08 13.03
CA THR B 109 10.72 -11.26 12.21
C THR B 109 9.51 -10.74 13.02
N ILE B 110 8.98 -9.56 12.70
CA ILE B 110 7.83 -9.04 13.42
C ILE B 110 6.52 -9.29 12.67
N PHE B 111 5.53 -9.87 13.35
CA PHE B 111 4.23 -10.16 12.79
C PHE B 111 3.14 -9.30 13.49
N ARG B 112 2.36 -8.52 12.73
CA ARG B 112 1.23 -7.80 13.26
C ARG B 112 -0.08 -8.65 13.13
N GLU B 113 -0.62 -9.10 14.26
CA GLU B 113 -1.79 -9.98 14.34
C GLU B 113 -2.98 -9.20 14.86
N PRO B 114 -3.99 -8.95 14.01
CA PRO B 114 -5.12 -8.20 14.53
C PRO B 114 -6.16 -9.16 15.08
N ILE B 115 -7.02 -8.63 15.94
CA ILE B 115 -8.00 -9.36 16.71
C ILE B 115 -9.35 -8.99 16.15
N VAL B 116 -10.00 -9.94 15.51
CA VAL B 116 -11.20 -9.59 14.81
C VAL B 116 -12.43 -9.98 15.65
N ILE B 117 -13.16 -8.94 16.05
CA ILE B 117 -14.32 -9.00 16.95
C ILE B 117 -15.64 -8.70 16.20
N SER B 118 -16.45 -9.74 16.00
CA SER B 118 -17.69 -9.67 15.20
C SER B 118 -18.43 -8.36 15.27
N ASN B 119 -18.63 -7.87 16.50
CA ASN B 119 -19.39 -6.62 16.67
C ASN B 119 -18.60 -5.31 16.62
N VAL B 120 -17.27 -5.39 16.53
CA VAL B 120 -16.54 -4.14 16.24
C VAL B 120 -16.41 -4.07 14.72
N PRO B 121 -17.00 -3.02 14.09
CA PRO B 121 -16.84 -2.85 12.63
C PRO B 121 -15.38 -2.66 12.22
N ARG B 122 -14.99 -3.30 11.11
CA ARG B 122 -13.77 -2.95 10.37
C ARG B 122 -14.15 -2.28 9.05
N LEU B 123 -13.36 -1.29 8.64
CA LEU B 123 -13.80 -0.35 7.57
C LEU B 123 -13.99 -1.06 6.26
N VAL B 124 -13.46 -2.27 6.23
CA VAL B 124 -13.62 -3.18 5.16
C VAL B 124 -14.41 -4.35 5.77
N PRO B 125 -15.76 -4.34 5.58
CA PRO B 125 -16.68 -5.32 6.19
C PRO B 125 -16.41 -6.74 5.75
N GLY B 126 -15.85 -6.91 4.57
CA GLY B 126 -15.61 -8.24 4.04
C GLY B 126 -14.60 -9.00 4.88
N TRP B 127 -13.91 -8.30 5.77
CA TRP B 127 -12.86 -8.93 6.60
C TRP B 127 -13.49 -9.67 7.75
N THR B 128 -13.34 -11.00 7.73
CA THR B 128 -13.91 -11.87 8.73
C THR B 128 -12.74 -12.52 9.47
N LYS B 129 -11.54 -12.42 8.90
CA LYS B 129 -10.39 -13.12 9.52
C LYS B 129 -9.11 -12.28 9.51
N PRO B 130 -8.21 -12.50 10.47
CA PRO B 130 -7.02 -11.63 10.60
C PRO B 130 -6.05 -11.68 9.39
N ILE B 131 -5.72 -10.52 8.84
CA ILE B 131 -4.58 -10.41 7.93
C ILE B 131 -3.31 -10.20 8.73
N VAL B 132 -2.35 -11.11 8.62
CA VAL B 132 -1.11 -11.05 9.36
C VAL B 132 0.10 -10.60 8.54
N ILE B 133 0.54 -9.38 8.78
CA ILE B 133 1.64 -8.83 8.04
C ILE B 133 2.92 -9.10 8.80
N GLY B 134 3.82 -9.80 8.14
CA GLY B 134 5.17 -10.07 8.60
C GLY B 134 6.12 -9.11 7.91
N ARG B 135 6.95 -8.36 8.64
CA ARG B 135 7.78 -7.36 8.00
C ARG B 135 9.27 -7.72 8.03
N HIS B 136 9.96 -7.81 6.89
CA HIS B 136 11.40 -8.03 6.92
C HIS B 136 12.13 -7.02 7.85
N ALA B 137 13.04 -7.52 8.70
CA ALA B 137 13.50 -6.74 9.81
C ALA B 137 14.68 -5.86 9.40
N PHE B 138 15.14 -6.01 8.15
CA PHE B 138 16.45 -5.53 7.74
C PHE B 138 16.54 -4.97 6.31
N GLY B 139 17.27 -3.86 6.20
CA GLY B 139 17.83 -3.43 4.91
C GLY B 139 16.87 -2.59 4.12
N ASP B 140 17.01 -2.65 2.81
CA ASP B 140 16.27 -1.79 1.87
C ASP B 140 16.28 -0.32 2.30
N GLN B 141 15.16 0.40 2.12
CA GLN B 141 15.15 1.87 2.38
C GLN B 141 15.70 2.21 3.76
N TYR B 142 15.46 1.33 4.73
CA TYR B 142 15.85 1.58 6.10
C TYR B 142 17.37 1.62 6.38
N ARG B 143 18.18 1.26 5.38
CA ARG B 143 19.62 1.36 5.49
C ARG B 143 20.20 2.08 4.28
N ALA B 144 19.40 2.89 3.61
CA ALA B 144 19.86 3.36 2.32
C ALA B 144 20.87 4.44 2.51
N THR B 145 21.65 4.70 1.47
CA THR B 145 22.42 5.94 1.36
C THR B 145 21.63 6.86 0.44
N ASN B 146 21.41 8.10 0.82
CA ASN B 146 20.63 8.96 -0.06
C ASN B 146 21.11 10.43 -0.02
N PHE B 147 21.16 11.16 -1.12
CA PHE B 147 21.65 12.55 -1.14
C PHE B 147 20.98 13.29 -2.22
N LYS B 148 20.95 14.62 -2.13
CA LYS B 148 20.54 15.43 -3.26
C LYS B 148 21.74 16.10 -3.92
N VAL B 149 21.65 16.44 -5.20
CA VAL B 149 22.69 17.20 -5.85
C VAL B 149 21.98 18.36 -6.58
N ASP B 150 22.54 19.56 -6.46
CA ASP B 150 21.96 20.75 -7.14
C ASP B 150 22.66 21.11 -8.43
N GLN B 151 23.44 20.18 -8.94
CA GLN B 151 24.23 20.38 -10.16
C GLN B 151 24.13 19.16 -11.10
N PRO B 152 24.52 19.33 -12.39
CA PRO B 152 24.61 18.13 -13.24
C PRO B 152 25.83 17.25 -12.93
N GLY B 153 25.76 15.97 -13.28
CA GLY B 153 26.84 15.01 -13.01
C GLY B 153 26.41 13.57 -13.28
N THR B 154 27.37 12.63 -13.25
CA THR B 154 27.08 11.21 -13.49
C THR B 154 27.08 10.40 -12.20
N VAL B 155 26.44 9.22 -12.21
CA VAL B 155 26.23 8.40 -10.98
C VAL B 155 26.68 6.97 -11.24
N THR B 156 27.61 6.50 -10.44
CA THR B 156 28.16 5.19 -10.68
C THR B 156 27.89 4.43 -9.44
N LEU B 157 27.69 3.14 -9.58
CA LEU B 157 27.35 2.29 -8.44
C LEU B 157 28.22 1.07 -8.61
N THR B 158 29.05 0.77 -7.62
CA THR B 158 30.14 -0.21 -7.86
C THR B 158 30.21 -1.27 -6.75
N PHE B 159 30.30 -2.55 -7.14
CA PHE B 159 30.53 -3.60 -6.18
C PHE B 159 32.02 -4.02 -6.33
N THR B 160 32.82 -3.82 -5.27
CA THR B 160 34.23 -4.21 -5.30
C THR B 160 34.38 -5.49 -4.50
N PRO B 161 34.51 -6.64 -5.18
CA PRO B 161 34.56 -7.90 -4.41
C PRO B 161 35.82 -8.02 -3.51
N ALA B 162 35.65 -8.67 -2.36
CA ALA B 162 36.77 -8.90 -1.43
C ALA B 162 37.98 -9.54 -2.19
N ASP B 163 37.71 -10.60 -2.96
CA ASP B 163 38.65 -11.21 -3.95
C ASP B 163 39.75 -10.35 -4.48
N GLY B 164 39.44 -9.12 -4.86
CA GLY B 164 40.37 -8.37 -5.70
C GLY B 164 40.11 -8.65 -7.18
N SER B 165 39.14 -9.53 -7.45
CA SER B 165 38.56 -9.68 -8.80
C SER B 165 37.85 -8.41 -9.26
N ALA B 166 37.69 -8.26 -10.57
CA ALA B 166 37.20 -7.03 -11.19
C ALA B 166 35.98 -6.38 -10.46
N PRO B 167 36.14 -5.10 -10.03
CA PRO B 167 34.96 -4.40 -9.53
C PRO B 167 33.93 -4.29 -10.65
N ILE B 168 32.68 -4.57 -10.33
CA ILE B 168 31.58 -4.38 -11.27
C ILE B 168 31.06 -2.95 -11.15
N VAL B 169 31.28 -2.19 -12.21
CA VAL B 169 31.03 -0.75 -12.26
C VAL B 169 29.78 -0.56 -13.10
N HIS B 170 28.72 -0.06 -12.48
CA HIS B 170 27.49 0.27 -13.21
C HIS B 170 27.34 1.75 -13.30
N GLU B 171 27.24 2.22 -14.52
CA GLU B 171 27.02 3.62 -14.75
C GLU B 171 25.51 3.86 -14.74
N MET B 172 24.98 4.45 -13.69
CA MET B 172 23.51 4.52 -13.58
C MET B 172 22.94 5.54 -14.53
N VAL B 173 23.43 6.80 -14.46
CA VAL B 173 22.71 7.93 -15.09
C VAL B 173 23.53 9.21 -15.12
N SER B 174 23.16 10.16 -15.99
CA SER B 174 23.60 11.56 -15.86
C SER B 174 22.43 12.45 -15.41
N ILE B 175 22.69 13.21 -14.35
CA ILE B 175 21.66 13.99 -13.77
C ILE B 175 21.81 15.31 -14.47
N PRO B 176 20.70 15.86 -14.99
CA PRO B 176 20.69 17.15 -15.69
C PRO B 176 20.93 18.39 -14.80
N GLU B 177 21.01 19.52 -15.50
CA GLU B 177 21.39 20.80 -14.97
C GLU B 177 20.81 21.07 -13.60
N ASP B 178 19.50 20.88 -13.41
CA ASP B 178 18.94 21.32 -12.14
C ASP B 178 19.11 20.36 -10.96
N GLY B 179 19.82 19.25 -11.20
CA GLY B 179 20.10 18.33 -10.14
C GLY B 179 18.96 17.37 -9.85
N GLY B 180 19.02 16.73 -8.70
CA GLY B 180 18.14 15.60 -8.47
C GLY B 180 18.49 14.87 -7.22
N VAL B 181 18.10 13.61 -7.13
CA VAL B 181 18.35 12.87 -5.91
C VAL B 181 18.75 11.46 -6.31
N VAL B 182 19.47 10.82 -5.41
CA VAL B 182 20.04 9.51 -5.65
C VAL B 182 19.94 8.64 -4.40
N LEU B 183 19.64 7.39 -4.58
CA LEU B 183 19.55 6.51 -3.44
C LEU B 183 20.32 5.23 -3.77
N GLY B 184 20.95 4.62 -2.79
CA GLY B 184 21.45 3.25 -3.00
C GLY B 184 21.00 2.44 -1.82
N MET B 185 20.62 1.18 -2.02
CA MET B 185 20.10 0.37 -0.90
C MET B 185 20.49 -1.07 -1.09
N TYR B 186 20.32 -1.87 -0.09
CA TYR B 186 20.71 -3.29 -0.34
C TYR B 186 19.99 -4.19 0.61
N ASN B 187 20.09 -5.48 0.37
CA ASN B 187 19.72 -6.45 1.38
C ASN B 187 20.70 -7.66 1.33
N PHE B 188 20.69 -8.54 2.34
CA PHE B 188 21.62 -9.72 2.43
C PHE B 188 20.87 -11.06 2.20
N LYS B 189 21.45 -11.97 1.41
CA LYS B 189 20.89 -13.31 1.17
C LYS B 189 20.58 -14.01 2.51
N GLU B 190 21.58 -14.02 3.40
CA GLU B 190 21.48 -14.61 4.76
C GLU B 190 20.24 -14.07 5.49
N SER B 191 20.05 -12.73 5.47
CA SER B 191 18.84 -12.09 6.07
C SER B 191 17.56 -12.51 5.38
N ILE B 192 17.58 -12.64 4.08
CA ILE B 192 16.39 -12.94 3.35
C ILE B 192 15.95 -14.37 3.59
N ARG B 193 16.87 -15.28 3.80
CA ARG B 193 16.50 -16.66 4.08
C ARG B 193 15.89 -16.74 5.45
N ASP B 194 16.46 -16.04 6.40
CA ASP B 194 15.91 -15.99 7.74
C ASP B 194 14.50 -15.47 7.79
N PHE B 195 14.23 -14.41 7.06
CA PHE B 195 12.93 -13.80 6.96
C PHE B 195 11.95 -14.84 6.40
N ALA B 196 12.35 -15.55 5.35
CA ALA B 196 11.50 -16.67 4.87
C ALA B 196 11.19 -17.70 5.98
N ARG B 197 12.21 -18.07 6.72
CA ARG B 197 12.03 -19.10 7.75
C ARG B 197 11.01 -18.68 8.78
N ALA B 198 11.18 -17.50 9.37
CA ALA B 198 10.26 -17.12 10.42
C ALA B 198 8.88 -16.95 9.82
N SER B 199 8.83 -16.50 8.55
CA SER B 199 7.53 -16.32 7.92
C SER B 199 6.79 -17.67 7.84
N PHE B 200 7.50 -18.70 7.37
CA PHE B 200 6.95 -20.07 7.34
C PHE B 200 6.57 -20.64 8.74
N SER B 201 7.51 -20.64 9.68
CA SER B 201 7.18 -21.11 11.04
C SER B 201 6.00 -20.37 11.62
N TYR B 202 5.97 -19.04 11.40
CA TYR B 202 4.83 -18.25 11.86
C TYR B 202 3.51 -18.73 11.24
N GLY B 203 3.45 -18.86 9.92
CA GLY B 203 2.19 -19.21 9.26
C GLY B 203 1.69 -20.63 9.60
N LEU B 204 2.63 -21.49 9.94
CA LEU B 204 2.34 -22.88 10.27
C LEU B 204 1.74 -22.94 11.65
N ASN B 205 2.36 -22.20 12.57
CA ASN B 205 1.92 -22.17 13.92
C ASN B 205 0.61 -21.42 14.07
N ALA B 206 0.32 -20.46 13.20
CA ALA B 206 -1.00 -19.78 13.23
C ALA B 206 -2.03 -20.58 12.44
N LYS B 207 -1.55 -21.63 11.77
CA LYS B 207 -2.38 -22.36 10.80
C LYS B 207 -2.96 -21.40 9.71
N TRP B 208 -2.06 -20.65 9.08
CA TRP B 208 -2.46 -19.71 8.02
C TRP B 208 -1.59 -20.00 6.82
N PRO B 209 -2.17 -20.00 5.61
CA PRO B 209 -1.25 -20.04 4.48
C PRO B 209 -0.43 -18.72 4.37
N VAL B 210 0.67 -18.79 3.63
CA VAL B 210 1.69 -17.72 3.52
C VAL B 210 1.85 -17.16 2.10
N TYR B 211 1.76 -15.82 1.99
CA TYR B 211 2.06 -15.07 0.75
C TYR B 211 3.23 -14.12 0.94
N LEU B 212 4.17 -14.18 0.01
CA LEU B 212 5.15 -13.09 -0.15
C LEU B 212 4.81 -12.09 -1.28
N SER B 213 5.17 -10.81 -1.12
CA SER B 213 5.06 -9.88 -2.22
C SER B 213 6.35 -9.18 -2.55
N THR B 214 6.58 -9.04 -3.85
CA THR B 214 7.68 -8.25 -4.34
C THR B 214 7.22 -7.53 -5.60
N LYS B 215 8.19 -6.87 -6.23
CA LYS B 215 7.92 -6.12 -7.43
C LYS B 215 8.93 -6.62 -8.44
N ASN B 216 9.13 -7.95 -8.50
CA ASN B 216 10.22 -8.54 -9.35
C ASN B 216 10.03 -8.43 -10.87
N THR B 217 8.91 -7.85 -11.30
CA THR B 217 8.68 -7.55 -12.69
C THR B 217 9.57 -6.37 -13.06
N ILE B 218 9.92 -5.56 -12.06
CA ILE B 218 10.70 -4.35 -12.28
C ILE B 218 12.10 -4.52 -11.69
N LEU B 219 12.19 -4.98 -10.46
CA LEU B 219 13.50 -5.24 -9.83
C LEU B 219 13.87 -6.72 -9.96
N LYS B 220 14.32 -7.10 -11.14
CA LYS B 220 14.39 -8.53 -11.48
C LYS B 220 15.47 -9.21 -10.67
N ALA B 221 16.62 -8.52 -10.48
CA ALA B 221 17.66 -9.08 -9.62
C ALA B 221 17.33 -8.89 -8.13
N TYR B 222 17.13 -7.65 -7.70
CA TYR B 222 16.88 -7.35 -6.29
C TYR B 222 15.76 -8.21 -5.69
N ASP B 223 14.56 -8.17 -6.27
CA ASP B 223 13.42 -8.87 -5.66
C ASP B 223 13.48 -10.30 -6.16
N GLY B 224 14.13 -10.53 -7.32
CA GLY B 224 14.39 -11.90 -7.79
C GLY B 224 14.93 -12.77 -6.64
N MET B 225 15.85 -12.21 -5.86
CA MET B 225 16.39 -12.92 -4.67
C MET B 225 15.37 -13.20 -3.58
N PHE B 226 14.45 -12.25 -3.35
CA PHE B 226 13.43 -12.50 -2.35
C PHE B 226 12.56 -13.67 -2.78
N LYS B 227 12.11 -13.69 -4.03
CA LYS B 227 11.25 -14.78 -4.49
C LYS B 227 11.97 -16.16 -4.53
N ASP B 228 13.22 -16.15 -5.00
CA ASP B 228 14.03 -17.33 -5.22
C ASP B 228 14.41 -17.98 -3.90
N GLU B 229 14.96 -17.17 -2.98
CA GLU B 229 15.26 -17.64 -1.65
C GLU B 229 14.04 -18.09 -0.88
N PHE B 230 12.93 -17.35 -0.97
CA PHE B 230 11.72 -17.78 -0.30
C PHE B 230 11.28 -19.14 -0.86
N GLU B 231 11.42 -19.34 -2.18
CA GLU B 231 10.94 -20.59 -2.81
C GLU B 231 11.82 -21.81 -2.40
N ARG B 232 13.15 -21.63 -2.45
CA ARG B 232 14.12 -22.64 -2.04
C ARG B 232 13.81 -23.09 -0.61
N VAL B 233 14.10 -22.23 0.36
CA VAL B 233 13.62 -22.39 1.73
C VAL B 233 12.29 -23.09 1.76
N TYR B 234 11.32 -22.67 0.95
CA TYR B 234 9.99 -23.26 1.01
C TYR B 234 9.90 -24.77 0.70
N GLU B 235 10.48 -25.18 -0.42
CA GLU B 235 10.48 -26.56 -0.86
C GLU B 235 11.41 -27.43 -0.02
N GLU B 236 12.53 -26.83 0.42
CA GLU B 236 13.59 -27.57 1.10
C GLU B 236 13.35 -27.68 2.61
N GLU B 237 12.35 -26.95 3.13
CA GLU B 237 12.18 -26.88 4.57
C GLU B 237 10.78 -26.82 5.11
N PHE B 238 9.78 -26.51 4.29
CA PHE B 238 8.44 -26.28 4.85
C PHE B 238 7.27 -26.88 4.07
N LYS B 239 7.49 -27.25 2.82
CA LYS B 239 6.40 -27.69 1.92
C LYS B 239 5.72 -28.98 2.40
N ALA B 240 6.55 -29.94 2.79
CA ALA B 240 6.03 -31.20 3.38
C ALA B 240 5.00 -30.86 4.46
N GLN B 241 5.48 -30.12 5.46
CA GLN B 241 4.69 -29.77 6.63
C GLN B 241 3.49 -28.96 6.15
N PHE B 242 3.73 -27.99 5.31
CA PHE B 242 2.68 -27.08 4.93
C PHE B 242 1.57 -27.83 4.23
N GLU B 243 1.94 -28.68 3.32
CA GLU B 243 0.98 -29.42 2.54
C GLU B 243 0.17 -30.33 3.45
N ALA B 244 0.90 -31.09 4.25
CA ALA B 244 0.36 -31.90 5.30
C ALA B 244 -0.61 -31.14 6.16
N ALA B 245 -0.33 -29.88 6.44
CA ALA B 245 -1.18 -29.09 7.30
C ALA B 245 -2.25 -28.34 6.58
N GLY B 246 -2.41 -28.57 5.30
CA GLY B 246 -3.49 -27.95 4.57
C GLY B 246 -3.25 -26.49 4.27
N LEU B 247 -2.01 -26.19 3.99
CA LEU B 247 -1.52 -24.82 3.89
C LEU B 247 -0.73 -24.63 2.65
N THR B 248 -0.63 -23.38 2.21
CA THR B 248 0.03 -23.11 0.97
C THR B 248 0.86 -21.83 0.93
N TYR B 249 1.96 -21.88 0.19
CA TYR B 249 2.76 -20.68 -0.12
C TYR B 249 2.75 -20.16 -1.59
N GLU B 250 2.54 -18.86 -1.76
CA GLU B 250 2.74 -18.21 -3.09
C GLU B 250 3.46 -16.86 -3.06
N HIS B 251 4.29 -16.62 -4.07
CA HIS B 251 4.76 -15.28 -4.36
C HIS B 251 3.67 -14.61 -5.14
N ARG B 252 3.38 -13.36 -4.80
CA ARG B 252 2.62 -12.50 -5.69
C ARG B 252 3.21 -11.10 -5.90
N LEU B 253 2.79 -10.46 -6.96
CA LEU B 253 3.21 -9.12 -7.16
C LEU B 253 2.56 -8.29 -6.06
N ILE B 254 3.27 -7.29 -5.53
CA ILE B 254 2.71 -6.34 -4.57
C ILE B 254 1.38 -5.76 -5.05
N ASP B 255 1.22 -5.56 -6.36
CA ASP B 255 0.00 -4.88 -6.90
C ASP B 255 -1.23 -5.82 -6.65
N ASP B 256 -1.02 -7.11 -6.86
CA ASP B 256 -2.06 -8.09 -6.59
C ASP B 256 -2.32 -8.21 -5.10
N MET B 257 -1.25 -8.26 -4.28
CA MET B 257 -1.44 -8.45 -2.85
C MET B 257 -2.19 -7.33 -2.18
N VAL B 258 -1.96 -6.07 -2.57
CA VAL B 258 -2.74 -5.00 -1.95
C VAL B 258 -4.21 -5.13 -2.37
N ALA B 259 -4.45 -5.47 -3.65
CA ALA B 259 -5.81 -5.74 -4.10
C ALA B 259 -6.42 -6.93 -3.29
N ALA B 260 -5.68 -8.01 -3.09
CA ALA B 260 -6.21 -9.17 -2.38
C ALA B 260 -6.56 -8.80 -0.92
N CYS B 261 -5.69 -8.03 -0.32
CA CYS B 261 -5.91 -7.54 1.01
C CYS B 261 -7.29 -6.90 1.23
N LEU B 262 -7.74 -6.12 0.26
CA LEU B 262 -9.04 -5.43 0.40
C LEU B 262 -10.21 -6.35 0.09
N LYS B 263 -10.05 -7.27 -0.86
CA LYS B 263 -11.16 -8.05 -1.36
C LYS B 263 -11.32 -9.39 -0.66
N TRP B 264 -10.21 -10.00 -0.22
CA TRP B 264 -10.27 -11.29 0.46
C TRP B 264 -10.81 -11.17 1.84
N GLU B 265 -11.14 -12.31 2.43
CA GLU B 265 -11.84 -12.34 3.71
C GLU B 265 -10.85 -12.21 4.87
N GLY B 266 -9.58 -12.55 4.63
CA GLY B 266 -8.58 -12.62 5.70
C GLY B 266 -8.13 -14.05 5.89
N GLY B 267 -7.26 -14.32 6.88
CA GLY B 267 -6.85 -15.67 7.19
C GLY B 267 -5.59 -16.10 6.48
N TYR B 268 -4.57 -15.23 6.52
CA TYR B 268 -3.29 -15.51 5.88
C TYR B 268 -2.20 -14.66 6.50
N VAL B 269 -0.96 -15.12 6.35
CA VAL B 269 0.22 -14.41 6.81
C VAL B 269 0.75 -13.83 5.51
N TRP B 270 1.09 -12.54 5.52
CA TRP B 270 1.57 -11.80 4.37
C TRP B 270 2.94 -11.26 4.73
N ALA B 271 3.97 -11.94 4.21
CA ALA B 271 5.34 -11.56 4.31
C ALA B 271 5.64 -10.41 3.28
N CYS B 272 5.74 -9.18 3.81
CA CYS B 272 6.22 -7.98 3.12
C CYS B 272 7.73 -7.63 3.29
N LYS B 273 8.35 -7.14 2.23
CA LYS B 273 9.63 -6.49 2.32
C LYS B 273 9.52 -5.32 3.28
N ASN B 274 10.68 -4.89 3.83
CA ASN B 274 10.72 -3.99 4.99
C ASN B 274 9.75 -2.82 4.78
N TYR B 275 9.91 -2.08 3.66
CA TYR B 275 9.07 -0.92 3.37
C TYR B 275 7.59 -1.28 3.16
N ASP B 276 7.31 -2.29 2.36
CA ASP B 276 5.92 -2.59 2.09
C ASP B 276 5.28 -3.01 3.42
N GLY B 277 6.03 -3.73 4.25
CA GLY B 277 5.62 -4.08 5.61
C GLY B 277 5.28 -2.85 6.41
N ASP B 278 6.19 -1.86 6.45
CA ASP B 278 5.91 -0.60 7.16
C ASP B 278 4.57 -0.02 6.71
N VAL B 279 4.25 -0.12 5.44
CA VAL B 279 3.16 0.68 4.93
C VAL B 279 1.84 -0.10 4.99
N GLN B 280 1.87 -1.32 4.46
CA GLN B 280 0.68 -2.13 4.46
C GLN B 280 0.15 -2.38 5.89
N SER B 281 1.04 -2.47 6.89
CA SER B 281 0.62 -2.60 8.30
C SER B 281 -0.31 -1.50 8.72
N ASP B 282 -0.01 -0.29 8.28
CA ASP B 282 -0.83 0.86 8.62
C ASP B 282 -2.23 0.85 7.92
N THR B 283 -2.32 0.27 6.71
CA THR B 283 -3.60 0.11 6.05
C THR B 283 -4.43 -0.94 6.84
N VAL B 284 -3.82 -2.06 7.17
CA VAL B 284 -4.49 -3.06 7.95
C VAL B 284 -4.90 -2.56 9.34
N ALA B 285 -4.01 -1.90 10.09
CA ALA B 285 -4.37 -1.37 11.38
C ALA B 285 -5.47 -0.33 11.33
N GLN B 286 -5.46 0.53 10.31
CA GLN B 286 -6.50 1.50 10.22
C GLN B 286 -7.88 0.80 9.98
N GLY B 287 -7.91 -0.17 9.10
CA GLY B 287 -9.11 -0.93 8.86
C GLY B 287 -9.75 -1.44 10.16
N TYR B 288 -8.93 -1.94 11.08
CA TYR B 288 -9.41 -2.48 12.35
C TYR B 288 -9.79 -1.40 13.32
N GLY B 289 -9.42 -0.17 13.03
CA GLY B 289 -9.81 0.96 13.88
C GLY B 289 -9.02 1.22 15.17
N SER B 290 -8.45 0.20 15.78
CA SER B 290 -7.79 0.48 17.04
C SER B 290 -6.62 -0.42 17.21
N LEU B 291 -5.50 0.19 17.64
CA LEU B 291 -4.33 -0.64 17.95
C LEU B 291 -4.57 -1.43 19.26
N GLY B 292 -5.63 -1.04 19.98
CA GLY B 292 -6.15 -1.85 21.09
C GLY B 292 -6.38 -3.28 20.64
N LEU B 293 -6.74 -3.43 19.39
CA LEU B 293 -6.93 -4.75 18.81
C LEU B 293 -5.72 -5.37 18.08
N MET B 294 -4.48 -4.95 18.35
CA MET B 294 -3.32 -5.42 17.55
C MET B 294 -2.07 -5.83 18.35
N THR B 295 -1.51 -6.98 18.04
CA THR B 295 -0.32 -7.42 18.71
C THR B 295 0.85 -7.49 17.74
N SER B 296 2.06 -7.35 18.26
CA SER B 296 3.27 -7.77 17.54
C SER B 296 4.27 -8.23 18.57
N VAL B 297 4.77 -9.47 18.71
CA VAL B 297 4.93 -10.70 17.88
C VAL B 297 6.17 -10.93 17.01
N LEU B 298 7.30 -11.11 17.72
CA LEU B 298 8.55 -11.52 17.16
C LEU B 298 8.67 -13.05 17.23
N MET B 299 8.96 -13.66 16.08
CA MET B 299 9.28 -15.08 16.05
C MET B 299 10.62 -15.28 15.35
N THR B 300 11.39 -16.16 15.91
CA THR B 300 12.67 -16.42 15.43
C THR B 300 12.53 -17.37 14.25
N ALA B 301 13.61 -17.52 13.49
CA ALA B 301 13.63 -18.33 12.27
C ALA B 301 13.32 -19.81 12.47
N ASP B 302 13.34 -20.28 13.71
CA ASP B 302 13.54 -21.70 13.85
C ASP B 302 12.49 -22.66 14.43
N GLY B 303 11.32 -22.22 14.93
CA GLY B 303 10.98 -20.91 15.40
C GLY B 303 10.65 -21.25 16.83
N LYS B 304 11.71 -21.35 17.61
CA LYS B 304 11.65 -21.79 19.00
C LYS B 304 11.53 -20.62 19.95
N THR B 305 11.82 -19.39 19.49
CA THR B 305 11.71 -18.20 20.34
C THR B 305 10.60 -17.27 19.88
N VAL B 306 9.76 -16.84 20.81
CA VAL B 306 8.70 -15.92 20.50
C VAL B 306 8.66 -14.81 21.53
N GLU B 307 8.40 -13.57 21.12
CA GLU B 307 8.25 -12.50 22.09
C GLU B 307 7.11 -11.55 21.69
N ALA B 308 6.16 -11.33 22.59
CA ALA B 308 4.96 -10.66 22.20
C ALA B 308 4.74 -9.40 22.97
N GLU B 309 4.03 -8.48 22.35
CA GLU B 309 3.66 -7.22 22.99
C GLU B 309 2.58 -6.59 22.16
N ALA B 310 1.91 -5.59 22.74
CA ALA B 310 0.83 -4.90 22.14
C ALA B 310 1.44 -4.03 21.09
N ALA B 311 0.70 -3.62 20.07
CA ALA B 311 1.33 -2.85 18.97
C ALA B 311 1.21 -1.35 19.19
N HIS B 312 0.41 -0.99 20.17
CA HIS B 312 0.31 0.38 20.53
C HIS B 312 1.46 0.79 21.45
N GLY B 313 1.52 2.08 21.76
CA GLY B 313 2.51 2.55 22.74
C GLY B 313 2.09 2.48 24.19
N THR B 314 2.67 3.37 24.99
CA THR B 314 2.45 3.43 26.42
C THR B 314 1.21 4.24 26.79
N VAL B 315 0.55 4.78 25.78
CA VAL B 315 -0.77 5.41 25.89
C VAL B 315 -0.66 6.55 26.87
N THR B 316 0.23 7.47 26.55
CA THR B 316 0.58 8.57 27.42
C THR B 316 -0.60 9.46 27.83
N ARG B 317 -1.47 9.80 26.88
CA ARG B 317 -2.57 10.74 27.19
C ARG B 317 -3.44 10.15 28.30
N HIS B 318 -3.66 8.87 28.24
CA HIS B 318 -4.31 8.24 29.34
C HIS B 318 -3.57 8.36 30.66
N TYR B 319 -2.27 8.13 30.67
CA TYR B 319 -1.49 8.14 31.89
C TYR B 319 -1.66 9.46 32.56
N ARG B 320 -1.62 10.54 31.79
CA ARG B 320 -1.71 11.85 32.38
C ARG B 320 -2.99 11.90 33.21
N GLN B 321 -4.08 11.41 32.65
CA GLN B 321 -5.32 11.28 33.36
C GLN B 321 -5.18 10.43 34.64
N TYR B 322 -4.82 9.17 34.51
CA TYR B 322 -4.51 8.36 35.66
C TYR B 322 -3.52 8.93 36.70
N GLN B 323 -2.67 9.89 36.36
CA GLN B 323 -1.74 10.47 37.32
C GLN B 323 -2.47 11.50 38.17
N ALA B 324 -3.56 11.98 37.61
CA ALA B 324 -4.30 13.09 38.12
C ALA B 324 -5.60 12.61 38.73
N GLY B 325 -5.83 11.32 38.72
CA GLY B 325 -7.00 10.75 39.32
C GLY B 325 -8.25 10.60 38.48
N LYS B 326 -8.32 11.24 37.34
CA LYS B 326 -9.47 11.16 36.46
C LYS B 326 -9.60 9.80 35.84
N PRO B 327 -10.74 9.42 35.28
CA PRO B 327 -10.82 8.00 34.82
C PRO B 327 -10.28 7.75 33.39
N THR B 328 -9.83 6.52 33.12
CA THR B 328 -9.25 6.21 31.83
C THR B 328 -9.99 5.07 31.14
N SER B 329 -10.06 5.12 29.82
CA SER B 329 -10.66 4.02 29.09
C SER B 329 -9.67 3.31 28.16
N THR B 330 -8.72 2.60 28.75
CA THR B 330 -7.62 2.01 28.01
C THR B 330 -7.84 0.54 27.75
N ASN B 331 -7.76 0.19 26.47
CA ASN B 331 -7.96 -1.13 26.02
C ASN B 331 -6.78 -2.03 26.33
N PRO B 332 -7.04 -3.07 27.12
CA PRO B 332 -5.98 -3.99 27.43
C PRO B 332 -6.03 -5.21 26.55
N ILE B 333 -6.86 -5.19 25.49
CA ILE B 333 -7.04 -6.41 24.71
C ILE B 333 -5.68 -6.87 24.15
N ALA B 334 -5.06 -6.00 23.35
CA ALA B 334 -3.73 -6.31 22.77
C ALA B 334 -2.71 -6.82 23.81
N SER B 335 -2.71 -6.22 25.01
CA SER B 335 -1.79 -6.68 26.09
C SER B 335 -2.12 -8.08 26.64
N ILE B 336 -3.41 -8.33 26.86
CA ILE B 336 -3.83 -9.62 27.35
C ILE B 336 -3.37 -10.61 26.29
N PHE B 337 -3.53 -10.19 25.04
CA PHE B 337 -3.19 -11.06 23.93
C PHE B 337 -1.71 -11.28 23.79
N ALA B 338 -0.91 -10.35 24.28
CA ALA B 338 0.53 -10.58 24.30
C ALA B 338 0.85 -11.71 25.30
N TRP B 339 0.21 -11.64 26.46
CA TRP B 339 0.32 -12.71 27.43
C TRP B 339 -0.22 -13.99 26.82
N THR B 340 -1.39 -13.94 26.22
CA THR B 340 -1.98 -15.22 25.73
C THR B 340 -1.16 -15.90 24.65
N ARG B 341 -0.53 -15.04 23.85
CA ARG B 341 0.34 -15.43 22.79
C ARG B 341 1.56 -16.17 23.32
N GLY B 342 2.16 -15.58 24.34
CA GLY B 342 3.35 -16.17 24.99
C GLY B 342 3.10 -17.47 25.75
N LEU B 343 2.04 -17.51 26.53
CA LEU B 343 1.65 -18.75 27.18
C LEU B 343 1.48 -19.85 26.13
N GLN B 344 0.77 -19.52 25.06
CA GLN B 344 0.55 -20.43 23.97
C GLN B 344 1.87 -21.08 23.59
N HIS B 345 2.88 -20.28 23.29
CA HIS B 345 4.17 -20.83 22.88
C HIS B 345 4.92 -21.51 24.00
N ARG B 346 4.68 -21.08 25.25
CA ARG B 346 5.31 -21.71 26.41
C ARG B 346 4.62 -23.06 26.56
N GLY B 347 3.30 -23.02 26.45
CA GLY B 347 2.52 -24.24 26.42
C GLY B 347 3.01 -25.20 25.34
N LYS B 348 3.39 -24.63 24.18
CA LYS B 348 3.78 -25.46 23.03
C LYS B 348 5.13 -26.14 23.22
N LEU B 349 6.11 -25.40 23.68
CA LEU B 349 7.46 -25.93 23.81
C LEU B 349 7.57 -27.01 24.88
N ASP B 350 6.56 -27.08 25.76
CA ASP B 350 6.69 -27.78 27.01
C ASP B 350 6.56 -29.35 27.02
N GLY B 351 5.59 -29.96 26.32
CA GLY B 351 4.40 -29.33 25.77
C GLY B 351 3.25 -29.72 26.68
N THR B 352 2.48 -28.73 27.11
CA THR B 352 1.57 -28.90 28.22
C THR B 352 0.19 -28.25 27.93
N PRO B 353 -0.73 -29.03 27.34
CA PRO B 353 -1.99 -28.54 26.71
C PRO B 353 -2.90 -27.66 27.57
N GLU B 354 -2.81 -27.76 28.89
CA GLU B 354 -3.72 -27.03 29.77
C GLU B 354 -3.41 -25.55 29.72
N VAL B 355 -2.11 -25.26 29.56
CA VAL B 355 -1.57 -23.91 29.37
C VAL B 355 -2.24 -23.30 28.13
N ILE B 356 -2.13 -24.03 27.03
CA ILE B 356 -2.65 -23.63 25.72
C ILE B 356 -4.16 -23.26 25.71
N ASP B 357 -5.00 -24.18 26.20
CA ASP B 357 -6.45 -23.99 26.22
C ASP B 357 -6.80 -22.79 27.11
N PHE B 358 -6.01 -22.60 28.16
CA PHE B 358 -6.20 -21.49 29.04
C PHE B 358 -5.98 -20.19 28.26
N ALA B 359 -4.82 -20.13 27.60
CA ALA B 359 -4.53 -19.05 26.67
C ALA B 359 -5.74 -18.89 25.75
N HIS B 360 -6.19 -20.00 25.14
CA HIS B 360 -7.33 -19.90 24.21
C HIS B 360 -8.61 -19.40 24.88
N LYS B 361 -8.94 -20.03 26.01
CA LYS B 361 -10.15 -19.68 26.72
C LYS B 361 -10.14 -18.18 27.10
N LEU B 362 -9.01 -17.70 27.62
CA LEU B 362 -8.91 -16.29 28.01
C LEU B 362 -9.18 -15.41 26.79
N GLU B 363 -8.57 -15.75 25.66
CA GLU B 363 -8.84 -15.03 24.40
C GLU B 363 -10.30 -15.01 24.01
N SER B 364 -10.89 -16.20 23.90
CA SER B 364 -12.30 -16.23 23.43
C SER B 364 -13.19 -15.52 24.46
N VAL B 365 -12.78 -15.62 25.72
CA VAL B 365 -13.53 -14.96 26.76
C VAL B 365 -13.44 -13.46 26.69
N VAL B 366 -12.32 -12.96 26.16
CA VAL B 366 -12.20 -11.52 25.96
C VAL B 366 -13.06 -11.11 24.79
N ILE B 367 -13.03 -11.89 23.74
CA ILE B 367 -13.86 -11.58 22.55
C ILE B 367 -15.36 -11.59 22.89
N ALA B 368 -15.82 -12.72 23.43
CA ALA B 368 -17.20 -12.89 23.96
C ALA B 368 -17.64 -11.75 24.87
N THR B 369 -16.72 -11.30 25.72
CA THR B 369 -16.97 -10.17 26.62
C THR B 369 -17.24 -8.89 25.86
N VAL B 370 -16.56 -8.68 24.75
CA VAL B 370 -16.85 -7.45 23.96
C VAL B 370 -18.10 -7.69 23.15
N GLU B 371 -18.35 -8.94 22.78
CA GLU B 371 -19.53 -9.26 21.97
C GLU B 371 -20.87 -8.99 22.69
N SER B 372 -20.86 -9.03 24.01
CA SER B 372 -22.05 -8.78 24.83
C SER B 372 -22.26 -7.30 25.07
N GLY B 373 -21.56 -6.47 24.31
CA GLY B 373 -21.44 -5.07 24.67
C GLY B 373 -20.40 -5.14 25.77
N LYS B 374 -20.09 -4.00 26.37
CA LYS B 374 -19.01 -3.94 27.37
C LYS B 374 -17.63 -3.82 26.73
N MET B 375 -17.19 -2.58 26.59
CA MET B 375 -15.94 -2.34 25.90
C MET B 375 -15.39 -0.97 26.25
N THR B 376 -14.09 -0.78 25.97
CA THR B 376 -13.44 0.48 26.23
C THR B 376 -13.92 1.50 25.20
N LYS B 377 -13.73 2.79 25.48
CA LYS B 377 -14.20 3.86 24.57
C LYS B 377 -13.61 3.71 23.16
N ASP B 378 -12.29 3.48 23.14
CA ASP B 378 -11.57 2.78 22.13
C ASP B 378 -12.50 2.16 21.07
N LEU B 379 -13.01 0.96 21.39
CA LEU B 379 -13.92 0.19 20.53
C LEU B 379 -15.30 0.85 20.36
N ALA B 380 -15.79 1.45 21.44
CA ALA B 380 -17.06 2.17 21.38
C ALA B 380 -17.24 3.01 20.12
N ILE B 381 -16.35 3.83 19.83
CA ILE B 381 -16.82 4.59 18.65
C ILE B 381 -16.49 3.89 17.35
N LEU B 382 -15.89 2.76 17.38
CA LEU B 382 -15.95 2.10 16.15
C LEU B 382 -17.47 1.89 15.84
N ILE B 383 -18.26 1.60 16.87
CA ILE B 383 -19.65 1.17 16.76
C ILE B 383 -20.68 2.27 16.49
N GLY B 384 -20.83 3.22 17.38
CA GLY B 384 -21.70 4.32 17.09
C GLY B 384 -21.49 5.47 18.02
N PRO B 385 -21.94 6.64 17.62
CA PRO B 385 -21.92 7.84 18.46
C PRO B 385 -22.48 7.62 19.86
N GLU B 386 -22.95 6.41 20.12
CA GLU B 386 -23.46 6.02 21.41
C GLU B 386 -23.53 4.54 21.41
N GLN B 387 -22.75 3.94 22.29
CA GLN B 387 -22.54 2.53 22.33
C GLN B 387 -22.01 2.24 23.73
N ASP B 388 -21.93 3.29 24.52
CA ASP B 388 -21.50 3.17 25.91
C ASP B 388 -20.26 2.32 26.17
N TRP B 389 -19.30 2.93 26.85
CA TRP B 389 -18.04 2.31 27.15
C TRP B 389 -17.79 2.21 28.65
N LEU B 390 -17.07 1.17 29.03
CA LEU B 390 -16.55 1.02 30.37
C LEU B 390 -15.19 1.72 30.49
N ASN B 391 -14.83 2.11 31.71
CA ASN B 391 -13.49 2.58 32.06
C ASN B 391 -12.59 1.39 32.31
N SER B 392 -11.30 1.65 32.51
CA SER B 392 -10.24 0.62 32.47
C SER B 392 -10.40 -0.61 33.39
N GLU B 393 -10.67 -0.39 34.69
CA GLU B 393 -10.87 -1.49 35.67
C GLU B 393 -12.23 -2.10 35.47
N GLU B 394 -13.21 -1.25 35.17
CA GLU B 394 -14.61 -1.69 34.95
C GLU B 394 -14.70 -2.82 33.91
N PHE B 395 -14.08 -2.60 32.74
CA PHE B 395 -14.00 -3.59 31.65
C PHE B 395 -13.08 -4.77 31.99
N LEU B 396 -11.99 -4.52 32.68
CA LEU B 396 -11.09 -5.61 33.03
C LEU B 396 -11.63 -6.36 34.27
N ASP B 397 -12.52 -5.70 35.00
CA ASP B 397 -13.30 -6.36 36.06
C ASP B 397 -14.14 -7.41 35.35
N ALA B 398 -14.94 -6.91 34.43
CA ALA B 398 -15.82 -7.68 33.61
C ALA B 398 -15.19 -8.87 32.95
N ILE B 399 -13.93 -8.77 32.60
CA ILE B 399 -13.32 -9.88 31.93
C ILE B 399 -12.95 -10.92 32.96
N ALA B 400 -12.56 -10.45 34.12
CA ALA B 400 -12.22 -11.30 35.24
C ALA B 400 -13.42 -12.12 35.55
N ASP B 401 -14.51 -11.43 35.79
CA ASP B 401 -15.79 -12.07 36.01
C ASP B 401 -16.10 -13.08 34.93
N ASN B 402 -16.24 -12.65 33.68
CA ASN B 402 -16.62 -13.55 32.61
C ASN B 402 -15.77 -14.76 32.53
N LEU B 403 -14.46 -14.60 32.64
CA LEU B 403 -13.56 -15.73 32.57
C LEU B 403 -13.97 -16.69 33.65
N GLU B 404 -14.38 -16.13 34.77
CA GLU B 404 -14.71 -16.91 35.92
C GLU B 404 -15.62 -18.07 35.58
N LYS B 405 -16.78 -17.78 35.07
CA LYS B 405 -17.72 -18.79 34.74
C LYS B 405 -17.14 -20.01 34.03
N GLU B 406 -15.86 -20.00 33.75
CA GLU B 406 -15.22 -21.18 33.28
C GLU B 406 -13.82 -21.31 33.81
MN MN C . -0.06 -1.12 -9.99
PA NDP D . -8.34 -6.31 -18.94
O1A NDP D . -7.87 -5.22 -17.96
O2A NDP D . -8.58 -5.63 -20.30
O5B NDP D . -9.60 -7.05 -18.31
C5B NDP D . -9.28 -8.14 -17.50
C4B NDP D . -10.56 -8.67 -16.87
O4B NDP D . -11.07 -7.62 -16.02
C3B NDP D . -11.55 -9.05 -17.93
O3B NDP D . -11.32 -10.28 -18.46
C2B NDP D . -12.86 -8.82 -17.12
O2B NDP D . -13.33 -9.84 -16.17
C1B NDP D . -12.45 -7.54 -16.33
N9A NDP D . -12.81 -6.33 -17.01
C8A NDP D . -11.94 -5.36 -17.38
N7A NDP D . -12.60 -4.37 -17.97
C5A NDP D . -13.89 -4.66 -17.98
C6A NDP D . -15.01 -4.02 -18.44
N6A NDP D . -14.86 -2.76 -19.10
N1A NDP D . -16.21 -4.56 -18.28
C2A NDP D . -16.36 -5.79 -17.72
N3A NDP D . -15.29 -6.46 -17.24
C4A NDP D . -14.06 -5.93 -17.37
O3 NDP D . -7.48 -7.55 -19.30
PN NDP D . -5.96 -7.64 -19.52
O1N NDP D . -5.40 -6.95 -18.29
O2N NDP D . -5.57 -9.09 -19.59
O5D NDP D . -5.58 -6.85 -20.88
C5D NDP D . -5.61 -7.38 -22.18
C4D NDP D . -4.78 -6.46 -23.07
O4D NDP D . -5.11 -5.12 -22.79
C3D NDP D . -3.26 -6.67 -22.98
O3D NDP D . -2.73 -6.78 -24.29
C2D NDP D . -2.69 -5.47 -22.37
O2D NDP D . -1.57 -5.02 -23.01
C1D NDP D . -3.83 -4.42 -22.63
N1N NDP D . -3.92 -3.26 -21.66
C2N NDP D . -4.12 -2.03 -22.26
C3N NDP D . -4.25 -0.91 -21.42
C7N NDP D . -4.47 0.43 -22.13
O7N NDP D . -4.78 1.39 -21.40
N7N NDP D . -4.38 0.60 -23.57
C4N NDP D . -4.20 -1.03 -20.01
C5N NDP D . -4.04 -2.29 -19.41
C6N NDP D . -3.90 -3.41 -20.27
P2B NDP D . -13.78 -11.29 -16.53
O1X NDP D . -13.82 -12.02 -15.17
O2X NDP D . -15.09 -11.13 -17.24
O3X NDP D . -12.82 -12.08 -17.40
CL CL E . 10.69 6.11 -15.95
MN MN F . 4.25 2.14 9.14
PA NDP G . 0.13 5.38 21.82
O1A NDP G . 0.80 5.11 20.49
O2A NDP G . 0.46 4.29 22.89
O5B NDP G . -1.41 5.64 21.58
C5B NDP G . -1.78 6.85 20.99
C4B NDP G . -3.30 6.99 21.00
O4B NDP G . -3.93 5.87 20.35
C3B NDP G . -3.88 7.20 22.35
O3B NDP G . -3.82 8.51 22.67
C2B NDP G . -5.32 6.70 22.09
O2B NDP G . -6.34 7.64 21.55
C1B NDP G . -4.98 5.49 21.16
N9A NDP G . -4.70 4.24 21.81
C8A NDP G . -3.64 3.46 21.62
N7A NDP G . -3.72 2.39 22.39
C5A NDP G . -4.87 2.43 23.06
C6A NDP G . -5.50 1.60 23.97
N6A NDP G . -4.89 0.37 24.39
N1A NDP G . -6.68 1.97 24.49
C2A NDP G . -7.31 3.10 24.14
N3A NDP G . -6.72 3.93 23.25
C4A NDP G . -5.52 3.62 22.71
O3 NDP G . 0.76 6.72 22.27
PN NDP G . 1.91 7.33 21.39
O1N NDP G . 2.03 6.90 19.94
O2N NDP G . 1.71 8.85 21.45
O5D NDP G . 3.29 6.89 22.07
C5D NDP G . 3.41 6.83 23.46
C4D NDP G . 4.73 6.11 23.72
O4D NDP G . 4.66 4.77 23.28
C3D NDP G . 5.93 6.78 23.09
O3D NDP G . 6.80 7.04 24.13
C2D NDP G . 6.52 5.81 22.13
O2D NDP G . 7.87 5.71 22.14
C1D NDP G . 5.97 4.50 22.65
N1N NDP G . 5.80 3.31 21.73
C2N NDP G . 6.15 2.09 22.26
C3N NDP G . 5.92 0.98 21.46
C7N NDP G . 6.30 -0.40 22.00
O7N NDP G . 5.76 -1.35 21.47
N7N NDP G . 7.19 -0.58 23.12
C4N NDP G . 5.35 1.09 20.20
C5N NDP G . 4.96 2.32 19.71
C6N NDP G . 5.18 3.46 20.50
P2B NDP G . -6.95 8.88 22.32
O1X NDP G . -7.95 9.58 21.44
O2X NDP G . -7.50 8.38 23.64
O3X NDP G . -5.82 9.89 22.50
CL CL H . 17.59 -2.36 9.24
#